data_5OKT
#
_entry.id   5OKT
#
_cell.length_a   49.110
_cell.length_b   82.730
_cell.length_c   89.640
_cell.angle_alpha   89.73
_cell.angle_beta   74.14
_cell.angle_gamma   86.57
#
_symmetry.space_group_name_H-M   'P 1'
#
loop_
_entity.id
_entity.type
_entity.pdbx_description
1 polymer 'Casein kinase I isoform delta'
2 polymer 'Casein kinase I isoform delta'
3 non-polymer ~{N}-(6-methyl-1,3-benzothiazol-2-yl)-2-[(4-oxidanylidene-3-phenyl-6,7-dihydrothieno[3,2-d]pyrimidin-2-yl)sulfanyl]ethanamide
4 non-polymer 'SULFATE ION'
5 non-polymer 'ACETATE ION'
6 non-polymer GLYCEROL
7 water water
#
loop_
_entity_poly.entity_id
_entity_poly.type
_entity_poly.pdbx_seq_one_letter_code
_entity_poly.pdbx_strand_id
1 'polypeptide(L)'
;MGSSHHHHHHSSGLVPRGSHMELRVGNRYRLGRKIGSGSFGDIYLGTDIAAGEEVAIKLECVKTKHPQLHIESKIYKMMQ
GGVGIPTIRWCGAEGDYNVMVMELLGPSLEDLFNFCSRKFSLKTVLLLADQMISRIEYIHSKNFIHRDVKPDNFLMGLGK
KGNLVYIIDFGLAKKYRDARTHQHIPYRENKNLTGTARYASINTHLGIEQSRRDDLESLGYVLMYFNLGSLPWQGLKAA
(TPO)KRQKYERISEKKMSTPIEVLCKGYPSEFATYLNFCRSLRFDDKPDYSYLRQLFRNLFHRQGFSYDYVFDWNMLK
;
A,B
2 'polypeptide(L)'
;MGSSHHHHHHSSGLVPRGSHMELRVGNRYRLGRKIGSGSFGDIYLGTDIAAGEEVAIKLECVKTKHPQLHIESKIYKMMQ
GGVGIPTIRWCGAEGDYNVMVMELLGPSLEDLFNFCSRKFSLKTVLLLADQMISRIEYIHSKNFIHRDVKPDNFLMGLGK
KGNLVYIIDFGLAKKYRDARTHQHIPYRENKNLTGTARYASINTHLGIEQSRRDDLESLGYVLMYFNLGSLPWQGLKAAT
KRQKYERISEKKMSTPIEVLCKGYPSEFATYLNFCRSLRFDDKPDYSYLRQLFRNLFHRQGFSYDYVFDWNMLK
;
C,D
#
# COMPACT_ATOMS: atom_id res chain seq x y z
N ARG A 24 -50.79 11.34 -8.40
CA ARG A 24 -50.48 12.61 -9.05
C ARG A 24 -49.05 12.62 -9.58
N VAL A 25 -48.24 11.67 -9.12
CA VAL A 25 -46.90 11.44 -9.66
C VAL A 25 -46.67 9.94 -9.70
N GLY A 26 -46.29 9.42 -10.87
CA GLY A 26 -45.98 8.01 -11.01
C GLY A 26 -47.08 7.10 -10.52
N ASN A 27 -48.32 7.62 -10.51
CA ASN A 27 -49.52 6.83 -10.21
C ASN A 27 -49.66 6.47 -8.73
N ARG A 28 -48.55 6.33 -8.00
CA ARG A 28 -48.61 5.94 -6.59
C ARG A 28 -47.97 6.94 -5.64
N TYR A 29 -47.41 8.03 -6.14
CA TYR A 29 -46.72 9.00 -5.30
C TYR A 29 -47.52 10.29 -5.22
N ARG A 30 -47.60 10.86 -4.02
CA ARG A 30 -48.25 12.14 -3.79
C ARG A 30 -47.19 13.16 -3.36
N LEU A 31 -47.18 14.30 -4.04
CA LEU A 31 -46.18 15.33 -3.81
C LEU A 31 -46.55 16.19 -2.61
N GLY A 32 -45.54 16.47 -1.78
CA GLY A 32 -45.75 17.25 -0.58
C GLY A 32 -45.00 18.58 -0.60
N ARG A 33 -44.66 19.08 0.59
CA ARG A 33 -44.01 20.38 0.71
C ARG A 33 -42.52 20.27 0.40
N LYS A 34 -41.92 21.42 0.09
CA LYS A 34 -40.52 21.49 -0.30
C LYS A 34 -39.61 21.42 0.93
N ILE A 35 -38.70 20.46 0.93
CA ILE A 35 -37.83 20.21 2.08
C ILE A 35 -36.39 20.61 1.84
N GLY A 36 -36.03 21.01 0.63
CA GLY A 36 -34.65 21.39 0.37
C GLY A 36 -34.37 21.48 -1.11
N SER A 37 -33.09 21.72 -1.41
CA SER A 37 -32.64 21.85 -2.79
C SER A 37 -31.32 21.12 -2.97
N GLY A 38 -31.12 20.59 -4.16
CA GLY A 38 -29.88 19.95 -4.52
C GLY A 38 -29.25 20.68 -5.69
N SER A 39 -28.32 20.02 -6.40
CA SER A 39 -27.79 20.59 -7.63
C SER A 39 -28.86 20.49 -8.73
N PHE A 40 -29.13 21.61 -9.40
CA PHE A 40 -30.01 21.63 -10.57
C PHE A 40 -31.41 21.10 -10.27
N GLY A 41 -31.87 21.22 -9.02
CA GLY A 41 -33.25 20.84 -8.73
C GLY A 41 -33.55 20.96 -7.25
N ASP A 42 -34.83 20.92 -6.95
CA ASP A 42 -35.37 21.04 -5.60
C ASP A 42 -35.88 19.68 -5.12
N ILE A 43 -35.79 19.47 -3.82
CA ILE A 43 -36.22 18.22 -3.19
C ILE A 43 -37.54 18.49 -2.47
N TYR A 44 -38.52 17.63 -2.70
CA TYR A 44 -39.83 17.75 -2.08
C TYR A 44 -40.14 16.49 -1.29
N LEU A 45 -40.93 16.66 -0.23
CA LEU A 45 -41.46 15.53 0.50
C LEU A 45 -42.58 14.89 -0.30
N GLY A 46 -42.66 13.56 -0.20
CA GLY A 46 -43.73 12.83 -0.87
C GLY A 46 -44.12 11.62 -0.07
N THR A 47 -45.20 10.99 -0.51
CA THR A 47 -45.69 9.76 0.08
C THR A 47 -45.86 8.73 -1.01
N ASP A 48 -45.28 7.56 -0.81
CA ASP A 48 -45.66 6.39 -1.60
C ASP A 48 -46.95 5.84 -1.00
N ILE A 49 -48.07 6.03 -1.72
CA ILE A 49 -49.38 5.71 -1.18
C ILE A 49 -49.59 4.21 -1.11
N ALA A 50 -49.12 3.48 -2.13
CA ALA A 50 -49.33 2.04 -2.16
C ALA A 50 -48.55 1.34 -1.05
N ALA A 51 -47.36 1.84 -0.73
CA ALA A 51 -46.51 1.25 0.29
C ALA A 51 -46.67 1.91 1.66
N GLY A 52 -47.39 3.01 1.75
CA GLY A 52 -47.52 3.73 3.01
C GLY A 52 -46.16 4.15 3.55
N GLU A 53 -45.34 4.77 2.71
CA GLU A 53 -44.00 5.18 3.09
C GLU A 53 -43.70 6.55 2.50
N GLU A 54 -42.98 7.36 3.27
CA GLU A 54 -42.57 8.67 2.79
C GLU A 54 -41.32 8.55 1.93
N VAL A 55 -41.22 9.45 0.96
CA VAL A 55 -40.14 9.47 -0.02
C VAL A 55 -39.64 10.90 -0.16
N ALA A 56 -38.47 11.03 -0.79
CA ALA A 56 -37.97 12.32 -1.24
C ALA A 56 -38.10 12.36 -2.76
N ILE A 57 -38.57 13.49 -3.28
CA ILE A 57 -38.86 13.61 -4.70
C ILE A 57 -38.10 14.83 -5.23
N LYS A 58 -37.25 14.59 -6.23
CA LYS A 58 -36.49 15.64 -6.88
C LYS A 58 -37.14 15.99 -8.21
N LEU A 59 -37.34 17.29 -8.45
CA LEU A 59 -38.02 17.77 -9.64
C LEU A 59 -37.07 18.60 -10.49
N GLU A 60 -37.21 18.47 -11.80
CA GLU A 60 -36.46 19.25 -12.79
C GLU A 60 -37.44 19.68 -13.86
N CYS A 61 -37.46 20.96 -14.19
CA CYS A 61 -38.31 21.44 -15.27
C CYS A 61 -37.93 20.72 -16.56
N VAL A 62 -38.93 20.15 -17.24
CA VAL A 62 -38.66 19.36 -18.45
C VAL A 62 -37.94 20.22 -19.50
N LYS A 63 -38.30 21.50 -19.59
CA LYS A 63 -37.79 22.36 -20.64
C LYS A 63 -36.51 23.09 -20.25
N THR A 64 -35.90 22.75 -19.11
CA THR A 64 -34.68 23.43 -18.69
C THR A 64 -33.62 23.32 -19.78
N LYS A 65 -32.77 24.35 -19.87
CA LYS A 65 -31.81 24.42 -20.98
C LYS A 65 -30.78 23.30 -20.91
N HIS A 66 -30.47 22.80 -19.71
CA HIS A 66 -29.45 21.77 -19.52
C HIS A 66 -30.01 20.65 -18.64
N PRO A 67 -30.79 19.74 -19.21
CA PRO A 67 -31.39 18.68 -18.40
C PRO A 67 -30.33 17.71 -17.87
N GLN A 68 -30.45 17.37 -16.59
CA GLN A 68 -29.48 16.51 -15.93
C GLN A 68 -30.13 15.38 -15.13
N LEU A 69 -31.35 15.60 -14.62
CA LEU A 69 -31.91 14.68 -13.64
C LEU A 69 -31.84 13.23 -14.09
N HIS A 70 -32.19 12.96 -15.35
CA HIS A 70 -32.14 11.58 -15.84
C HIS A 70 -30.72 11.06 -15.91
N ILE A 71 -29.74 11.95 -16.05
CA ILE A 71 -28.35 11.54 -15.94
C ILE A 71 -28.04 11.16 -14.50
N GLU A 72 -28.37 12.05 -13.56
CA GLU A 72 -28.10 11.78 -12.14
C GLU A 72 -28.79 10.50 -11.68
N SER A 73 -30.01 10.25 -12.16
CA SER A 73 -30.73 9.05 -11.77
C SER A 73 -30.02 7.81 -12.28
N LYS A 74 -29.46 7.86 -13.49
CA LYS A 74 -28.66 6.75 -14.00
C LYS A 74 -27.45 6.49 -13.10
N ILE A 75 -26.90 7.52 -12.48
CA ILE A 75 -25.78 7.33 -11.56
C ILE A 75 -26.27 6.66 -10.29
N TYR A 76 -27.39 7.14 -9.72
CA TYR A 76 -27.96 6.50 -8.54
C TYR A 76 -28.31 5.03 -8.81
N LYS A 77 -28.88 4.75 -9.98
CA LYS A 77 -29.26 3.38 -10.33
C LYS A 77 -28.02 2.49 -10.39
N MET A 78 -26.91 3.05 -10.85
CA MET A 78 -25.65 2.33 -10.96
C MET A 78 -24.97 2.16 -9.61
N MET A 79 -25.11 3.12 -8.71
CA MET A 79 -24.59 2.99 -7.35
C MET A 79 -25.43 2.07 -6.47
N GLN A 80 -26.61 1.64 -6.92
CA GLN A 80 -27.54 0.94 -6.05
C GLN A 80 -26.88 -0.27 -5.41
N GLY A 81 -27.27 -0.56 -4.17
CA GLY A 81 -26.71 -1.66 -3.43
C GLY A 81 -25.49 -1.29 -2.62
N GLY A 82 -24.84 -0.18 -2.93
CA GLY A 82 -23.75 0.30 -2.11
C GLY A 82 -24.26 0.80 -0.76
N VAL A 83 -23.47 0.55 0.28
CA VAL A 83 -23.80 1.04 1.60
C VAL A 83 -23.93 2.55 1.56
N GLY A 84 -25.00 3.08 2.16
CA GLY A 84 -25.17 4.51 2.28
C GLY A 84 -25.48 5.22 0.99
N ILE A 85 -26.00 4.52 -0.01
CA ILE A 85 -26.50 5.14 -1.23
C ILE A 85 -28.03 5.11 -1.16
N PRO A 86 -28.73 6.24 -1.27
CA PRO A 86 -30.19 6.21 -1.18
C PRO A 86 -30.79 5.38 -2.31
N THR A 87 -31.86 4.68 -1.99
CA THR A 87 -32.57 3.88 -2.99
C THR A 87 -33.40 4.79 -3.89
N ILE A 88 -33.40 4.47 -5.18
CA ILE A 88 -34.14 5.22 -6.17
C ILE A 88 -35.35 4.38 -6.55
N ARG A 89 -36.54 4.88 -6.22
CA ARG A 89 -37.78 4.13 -6.40
C ARG A 89 -38.44 4.36 -7.75
N TRP A 90 -38.36 5.58 -8.30
CA TRP A 90 -39.01 5.85 -9.58
C TRP A 90 -38.38 7.06 -10.25
N CYS A 91 -38.29 7.01 -11.57
N CYS A 91 -38.24 6.98 -11.57
CA CYS A 91 -37.85 8.14 -12.37
CA CYS A 91 -37.86 8.11 -12.40
C CYS A 91 -38.72 8.23 -13.62
C CYS A 91 -38.82 8.21 -13.58
N GLY A 92 -39.16 9.43 -13.95
CA GLY A 92 -40.00 9.63 -15.11
C GLY A 92 -40.27 11.09 -15.31
N ALA A 93 -41.36 11.38 -16.00
CA ALA A 93 -41.75 12.75 -16.30
C ALA A 93 -43.25 12.89 -16.08
N GLU A 94 -43.63 13.90 -15.31
CA GLU A 94 -45.04 14.25 -15.09
C GLU A 94 -45.22 15.74 -15.32
N GLY A 95 -46.19 16.09 -16.17
CA GLY A 95 -46.48 17.48 -16.44
C GLY A 95 -45.26 18.26 -16.90
N ASP A 96 -44.92 19.32 -16.18
CA ASP A 96 -43.81 20.18 -16.54
C ASP A 96 -42.49 19.72 -15.93
N TYR A 97 -42.46 18.57 -15.28
CA TYR A 97 -41.31 18.17 -14.48
C TYR A 97 -40.82 16.79 -14.86
N ASN A 98 -39.50 16.63 -14.88
CA ASN A 98 -38.89 15.32 -14.75
C ASN A 98 -38.79 15.00 -13.26
N VAL A 99 -38.97 13.73 -12.91
CA VAL A 99 -39.18 13.33 -11.52
C VAL A 99 -38.22 12.21 -11.16
N MET A 100 -37.61 12.32 -9.99
CA MET A 100 -36.82 11.26 -9.40
C MET A 100 -37.32 11.02 -7.98
N VAL A 101 -37.82 9.83 -7.70
CA VAL A 101 -38.36 9.47 -6.40
C VAL A 101 -37.34 8.63 -5.65
N MET A 102 -36.96 9.09 -4.46
CA MET A 102 -35.94 8.44 -3.63
C MET A 102 -36.54 8.08 -2.28
N GLU A 103 -35.93 7.10 -1.62
CA GLU A 103 -36.26 6.85 -0.23
C GLU A 103 -35.95 8.11 0.58
N LEU A 104 -36.78 8.38 1.57
CA LEU A 104 -36.54 9.53 2.43
C LEU A 104 -35.40 9.21 3.40
N LEU A 105 -34.49 10.17 3.54
CA LEU A 105 -33.38 10.09 4.49
C LEU A 105 -33.58 11.11 5.59
N GLY A 106 -32.72 11.04 6.59
CA GLY A 106 -32.82 11.91 7.74
C GLY A 106 -32.07 13.22 7.55
N PRO A 107 -31.77 13.90 8.64
CA PRO A 107 -31.13 15.22 8.54
C PRO A 107 -29.71 15.12 8.02
N SER A 108 -29.25 16.22 7.41
CA SER A 108 -27.88 16.35 6.95
C SER A 108 -26.94 16.56 8.14
N LEU A 109 -25.65 16.33 7.91
CA LEU A 109 -24.67 16.57 8.95
C LEU A 109 -24.57 18.05 9.29
N GLU A 110 -24.84 18.94 8.33
CA GLU A 110 -24.91 20.36 8.62
C GLU A 110 -26.08 20.67 9.56
N ASP A 111 -27.26 20.13 9.25
CA ASP A 111 -28.42 20.29 10.14
C ASP A 111 -28.10 19.76 11.54
N LEU A 112 -27.54 18.55 11.61
CA LEU A 112 -27.25 17.94 12.91
C LEU A 112 -26.16 18.71 13.64
N PHE A 113 -25.19 19.24 12.90
CA PHE A 113 -24.15 20.08 13.51
C PHE A 113 -24.77 21.32 14.14
N ASN A 114 -25.68 21.98 13.42
CA ASN A 114 -26.36 23.15 13.95
C ASN A 114 -27.27 22.77 15.12
N PHE A 115 -27.96 21.63 15.03
CA PHE A 115 -28.82 21.21 16.13
C PHE A 115 -28.01 20.93 17.39
N CYS A 116 -26.75 20.50 17.23
CA CYS A 116 -25.85 20.23 18.34
C CYS A 116 -25.04 21.46 18.74
N SER A 117 -25.48 22.65 18.34
CA SER A 117 -24.80 23.90 18.69
C SER A 117 -23.42 24.00 18.06
N ARG A 118 -23.26 23.39 16.89
CA ARG A 118 -22.04 23.52 16.11
C ARG A 118 -20.81 23.04 16.88
N LYS A 119 -20.98 21.96 17.64
CA LYS A 119 -19.86 21.30 18.30
C LYS A 119 -20.13 19.81 18.37
N PHE A 120 -19.23 19.02 17.78
CA PHE A 120 -19.28 17.57 17.83
C PHE A 120 -18.14 17.05 18.69
N SER A 121 -18.43 16.01 19.47
CA SER A 121 -17.38 15.33 20.21
C SER A 121 -16.41 14.64 19.26
N LEU A 122 -15.20 14.38 19.76
CA LEU A 122 -14.20 13.68 18.95
C LEU A 122 -14.71 12.31 18.51
N LYS A 123 -15.38 11.60 19.41
CA LYS A 123 -15.94 10.30 19.07
C LYS A 123 -16.86 10.40 17.87
N THR A 124 -17.76 11.39 17.87
CA THR A 124 -18.69 11.54 16.75
C THR A 124 -17.95 11.85 15.46
N VAL A 125 -16.94 12.74 15.52
CA VAL A 125 -16.17 13.06 14.33
C VAL A 125 -15.50 11.81 13.78
N LEU A 126 -14.98 10.95 14.65
CA LEU A 126 -14.28 9.76 14.19
C LEU A 126 -15.26 8.72 13.66
N LEU A 127 -16.40 8.56 14.31
CA LEU A 127 -17.46 7.72 13.76
C LEU A 127 -17.85 8.18 12.37
N LEU A 128 -18.06 9.49 12.19
CA LEU A 128 -18.42 10.02 10.88
C LEU A 128 -17.31 9.83 9.87
N ALA A 129 -16.06 10.14 10.26
CA ALA A 129 -14.94 10.03 9.34
C ALA A 129 -14.83 8.62 8.78
N ASP A 130 -14.99 7.62 9.64
CA ASP A 130 -14.86 6.23 9.21
C ASP A 130 -15.84 5.92 8.07
N GLN A 131 -17.10 6.32 8.24
CA GLN A 131 -18.09 6.04 7.21
C GLN A 131 -17.89 6.92 5.98
N MET A 132 -17.55 8.19 6.18
CA MET A 132 -17.47 9.12 5.06
C MET A 132 -16.32 8.76 4.12
N ILE A 133 -15.19 8.31 4.67
CA ILE A 133 -14.10 7.83 3.82
C ILE A 133 -14.59 6.66 2.96
N SER A 134 -15.40 5.78 3.55
CA SER A 134 -15.89 4.61 2.83
C SER A 134 -16.89 4.99 1.75
N ARG A 135 -17.77 5.97 2.01
CA ARG A 135 -18.71 6.41 0.98
C ARG A 135 -17.94 6.89 -0.25
N ILE A 136 -16.94 7.75 -0.03
CA ILE A 136 -16.15 8.29 -1.13
C ILE A 136 -15.41 7.19 -1.85
N GLU A 137 -14.82 6.25 -1.10
CA GLU A 137 -14.15 5.13 -1.74
C GLU A 137 -15.12 4.36 -2.62
N TYR A 138 -16.34 4.13 -2.14
CA TYR A 138 -17.32 3.40 -2.93
C TYR A 138 -17.62 4.13 -4.24
N ILE A 139 -17.89 5.43 -4.16
CA ILE A 139 -18.14 6.21 -5.36
C ILE A 139 -16.95 6.10 -6.31
N HIS A 140 -15.74 6.19 -5.78
CA HIS A 140 -14.56 6.07 -6.63
C HIS A 140 -14.47 4.68 -7.24
N SER A 141 -14.86 3.66 -6.48
CA SER A 141 -14.89 2.29 -7.04
C SER A 141 -15.85 2.18 -8.20
N LYS A 142 -16.84 3.05 -8.30
CA LYS A 142 -17.76 3.08 -9.43
C LYS A 142 -17.31 4.04 -10.53
N ASN A 143 -16.05 4.47 -10.49
CA ASN A 143 -15.43 5.25 -11.57
C ASN A 143 -15.90 6.69 -11.60
N PHE A 144 -16.43 7.19 -10.49
CA PHE A 144 -16.89 8.58 -10.39
C PHE A 144 -16.15 9.29 -9.26
N ILE A 145 -16.00 10.60 -9.40
CA ILE A 145 -15.64 11.48 -8.31
C ILE A 145 -16.85 12.36 -8.01
N HIS A 146 -17.06 12.66 -6.72
CA HIS A 146 -18.26 13.37 -6.30
C HIS A 146 -18.16 14.85 -6.61
N ARG A 147 -17.06 15.48 -6.22
CA ARG A 147 -16.70 16.87 -6.52
C ARG A 147 -17.49 17.89 -5.72
N ASP A 148 -18.40 17.48 -4.84
CA ASP A 148 -19.01 18.42 -3.89
C ASP A 148 -19.14 17.71 -2.55
N VAL A 149 -18.01 17.56 -1.86
CA VAL A 149 -17.99 16.92 -0.54
C VAL A 149 -18.16 18.01 0.49
N LYS A 150 -19.25 17.93 1.25
CA LYS A 150 -19.63 18.99 2.18
C LYS A 150 -20.68 18.42 3.12
N PRO A 151 -20.83 19.02 4.31
CA PRO A 151 -21.75 18.45 5.31
C PRO A 151 -23.17 18.30 4.80
N ASP A 152 -23.63 19.20 3.93
CA ASP A 152 -25.00 19.16 3.41
C ASP A 152 -25.27 17.92 2.57
N ASN A 153 -24.24 17.30 1.98
CA ASN A 153 -24.42 16.17 1.10
C ASN A 153 -24.22 14.83 1.80
N PHE A 154 -24.14 14.82 3.12
CA PHE A 154 -24.17 13.59 3.90
C PHE A 154 -25.38 13.63 4.82
N LEU A 155 -26.23 12.61 4.73
CA LEU A 155 -27.47 12.53 5.49
C LEU A 155 -27.48 11.24 6.30
N MET A 156 -27.97 11.32 7.54
CA MET A 156 -28.19 10.12 8.32
C MET A 156 -29.46 9.43 7.85
N GLY A 157 -29.47 8.11 7.96
CA GLY A 157 -30.65 7.34 7.65
C GLY A 157 -31.71 7.48 8.73
N LEU A 158 -32.87 6.89 8.46
CA LEU A 158 -33.99 6.91 9.38
C LEU A 158 -34.20 5.52 10.00
N GLY A 159 -34.77 5.51 11.19
CA GLY A 159 -35.17 4.25 11.81
C GLY A 159 -34.00 3.32 12.02
N LYS A 160 -34.15 2.08 11.54
CA LYS A 160 -33.12 1.06 11.71
C LYS A 160 -31.82 1.42 10.99
N LYS A 161 -31.88 2.35 10.05
CA LYS A 161 -30.70 2.83 9.32
C LYS A 161 -30.15 4.13 9.91
N GLY A 162 -30.62 4.51 11.11
CA GLY A 162 -30.27 5.79 11.70
C GLY A 162 -28.80 5.93 12.07
N ASN A 163 -28.06 4.84 12.12
CA ASN A 163 -26.63 4.89 12.38
C ASN A 163 -25.79 5.01 11.12
N LEU A 164 -26.44 5.11 9.96
CA LEU A 164 -25.76 4.97 8.69
C LEU A 164 -25.67 6.34 8.02
N VAL A 165 -24.47 6.70 7.59
CA VAL A 165 -24.24 7.94 6.87
C VAL A 165 -24.46 7.67 5.39
N TYR A 166 -25.36 8.42 4.78
CA TYR A 166 -25.59 8.37 3.35
C TYR A 166 -24.92 9.56 2.69
N ILE A 167 -24.55 9.40 1.42
CA ILE A 167 -24.09 10.50 0.59
C ILE A 167 -25.12 10.70 -0.51
N ILE A 168 -25.35 11.96 -0.88
CA ILE A 168 -26.39 12.31 -1.84
C ILE A 168 -25.82 13.28 -2.87
N ASP A 169 -26.62 13.52 -3.90
CA ASP A 169 -26.40 14.57 -4.89
C ASP A 169 -25.21 14.30 -5.80
N PHE A 170 -25.45 13.60 -6.91
CA PHE A 170 -24.44 13.37 -7.95
C PHE A 170 -24.57 14.34 -9.12
N GLY A 171 -25.26 15.47 -8.92
CA GLY A 171 -25.43 16.42 -10.01
C GLY A 171 -24.12 16.98 -10.53
N LEU A 172 -23.12 17.11 -9.66
CA LEU A 172 -21.80 17.58 -10.08
C LEU A 172 -20.80 16.45 -10.28
N ALA A 173 -21.22 15.19 -10.11
CA ALA A 173 -20.30 14.09 -10.26
C ALA A 173 -19.80 13.99 -11.70
N LYS A 174 -18.66 13.33 -11.85
CA LYS A 174 -17.99 13.18 -13.13
C LYS A 174 -17.24 11.85 -13.10
N LYS A 175 -17.21 11.17 -14.24
CA LYS A 175 -16.45 9.94 -14.38
C LYS A 175 -14.98 10.29 -14.56
N TYR A 176 -14.12 9.72 -13.71
CA TYR A 176 -12.69 9.99 -13.79
C TYR A 176 -11.91 8.91 -14.52
N ARG A 177 -12.54 7.80 -14.86
CA ARG A 177 -11.89 6.76 -15.66
C ARG A 177 -12.92 6.00 -16.48
N GLN A 183 -9.03 3.68 -17.37
CA GLN A 183 -8.17 4.71 -17.93
C GLN A 183 -8.52 6.09 -17.38
N HIS A 184 -7.61 6.64 -16.59
CA HIS A 184 -7.85 7.91 -15.90
C HIS A 184 -8.02 9.05 -16.90
N ILE A 185 -8.79 10.06 -16.51
CA ILE A 185 -8.94 11.28 -17.30
C ILE A 185 -7.59 12.00 -17.35
N PRO A 186 -7.32 12.81 -18.36
CA PRO A 186 -6.02 13.47 -18.46
C PRO A 186 -5.90 14.67 -17.53
N TYR A 187 -4.64 15.06 -17.31
CA TYR A 187 -4.35 16.22 -16.48
C TYR A 187 -4.77 17.49 -17.22
N ARG A 188 -5.66 18.27 -16.61
CA ARG A 188 -6.13 19.52 -17.18
C ARG A 188 -6.10 20.61 -16.12
N GLU A 189 -5.82 21.83 -16.56
CA GLU A 189 -5.76 23.00 -15.68
C GLU A 189 -6.83 24.00 -16.13
N ASN A 190 -6.83 25.17 -15.48
CA ASN A 190 -7.73 26.25 -15.82
C ASN A 190 -9.17 25.77 -16.02
N LYS A 191 -9.81 25.36 -14.94
CA LYS A 191 -11.21 24.94 -14.99
C LYS A 191 -11.93 25.52 -13.79
N ASN A 192 -12.96 26.33 -14.05
CA ASN A 192 -13.62 27.09 -13.00
C ASN A 192 -14.07 26.18 -11.86
N LEU A 193 -14.18 26.76 -10.68
CA LEU A 193 -14.49 26.02 -9.46
C LEU A 193 -15.86 25.36 -9.57
N THR A 194 -15.89 24.04 -9.47
CA THR A 194 -17.12 23.23 -9.52
C THR A 194 -17.35 22.60 -8.15
N GLY A 195 -17.93 23.37 -7.24
CA GLY A 195 -18.22 22.88 -5.91
C GLY A 195 -18.32 24.04 -4.95
N THR A 196 -18.36 23.70 -3.67
CA THR A 196 -18.38 24.72 -2.63
C THR A 196 -16.96 25.21 -2.39
N ALA A 197 -16.79 26.54 -2.30
CA ALA A 197 -15.45 27.09 -2.14
C ALA A 197 -14.87 26.75 -0.78
N ARG A 198 -15.72 26.71 0.25
CA ARG A 198 -15.25 26.51 1.61
C ARG A 198 -14.49 25.19 1.75
N TYR A 199 -14.98 24.13 1.12
CA TYR A 199 -14.40 22.81 1.24
C TYR A 199 -13.53 22.39 0.06
N ALA A 200 -13.36 23.28 -0.93
CA ALA A 200 -12.60 22.92 -2.11
C ALA A 200 -11.13 22.70 -1.78
N SER A 201 -10.52 21.76 -2.51
CA SER A 201 -9.10 21.50 -2.35
C SER A 201 -8.28 22.66 -2.90
N ILE A 202 -7.01 22.73 -2.47
CA ILE A 202 -6.10 23.73 -3.02
C ILE A 202 -5.94 23.52 -4.52
N ASN A 203 -5.87 22.26 -4.96
CA ASN A 203 -5.76 21.99 -6.39
C ASN A 203 -6.92 22.62 -7.14
N THR A 204 -8.13 22.55 -6.57
CA THR A 204 -9.30 23.12 -7.23
C THR A 204 -9.15 24.64 -7.36
N HIS A 205 -8.67 25.30 -6.30
CA HIS A 205 -8.44 26.74 -6.37
C HIS A 205 -7.39 27.08 -7.43
N LEU A 206 -6.42 26.20 -7.66
CA LEU A 206 -5.41 26.44 -8.68
C LEU A 206 -5.94 26.19 -10.09
N GLY A 207 -7.20 25.76 -10.22
CA GLY A 207 -7.79 25.49 -11.51
C GLY A 207 -7.52 24.11 -12.06
N ILE A 208 -7.04 23.18 -11.23
CA ILE A 208 -6.70 21.84 -11.68
C ILE A 208 -7.95 20.99 -11.70
N GLU A 209 -8.06 20.16 -12.75
CA GLU A 209 -9.13 19.17 -12.84
C GLU A 209 -9.18 18.34 -11.56
N GLN A 210 -10.39 18.17 -11.04
CA GLN A 210 -10.54 17.40 -9.82
C GLN A 210 -10.39 15.90 -10.09
N SER A 211 -9.85 15.19 -9.10
CA SER A 211 -9.67 13.75 -9.17
C SER A 211 -9.97 13.19 -7.78
N ARG A 212 -9.67 11.91 -7.58
CA ARG A 212 -10.05 11.24 -6.34
C ARG A 212 -9.46 11.94 -5.12
N ARG A 213 -8.19 12.38 -5.22
CA ARG A 213 -7.54 13.04 -4.09
C ARG A 213 -8.34 14.22 -3.58
N ASP A 214 -9.04 14.91 -4.46
CA ASP A 214 -9.71 16.15 -4.09
C ASP A 214 -10.96 15.88 -3.26
N ASP A 215 -11.70 14.81 -3.59
CA ASP A 215 -12.81 14.41 -2.73
C ASP A 215 -12.34 14.18 -1.29
N LEU A 216 -11.17 13.55 -1.14
CA LEU A 216 -10.68 13.22 0.19
C LEU A 216 -10.13 14.45 0.91
N GLU A 217 -9.46 15.36 0.19
CA GLU A 217 -9.01 16.60 0.83
C GLU A 217 -10.21 17.40 1.32
N SER A 218 -11.27 17.48 0.51
CA SER A 218 -12.49 18.14 0.94
C SER A 218 -13.03 17.53 2.22
N LEU A 219 -13.06 16.20 2.30
CA LEU A 219 -13.48 15.54 3.53
C LEU A 219 -12.62 15.98 4.71
N GLY A 220 -11.31 16.13 4.48
CA GLY A 220 -10.42 16.57 5.55
C GLY A 220 -10.82 17.93 6.11
N TYR A 221 -11.18 18.88 5.23
CA TYR A 221 -11.65 20.17 5.71
C TYR A 221 -12.98 20.04 6.44
N VAL A 222 -13.85 19.13 5.99
CA VAL A 222 -15.12 18.93 6.67
C VAL A 222 -14.89 18.44 8.08
N LEU A 223 -13.95 17.52 8.28
CA LEU A 223 -13.67 17.02 9.62
C LEU A 223 -13.13 18.12 10.52
N MET A 224 -12.20 18.95 10.00
CA MET A 224 -11.72 20.09 10.79
C MET A 224 -12.82 21.12 11.00
N TYR A 225 -13.73 21.24 10.04
CA TYR A 225 -14.91 22.08 10.23
C TYR A 225 -15.74 21.61 11.43
N PHE A 226 -15.95 20.30 11.54
CA PHE A 226 -16.71 19.76 12.67
C PHE A 226 -15.97 19.99 13.98
N ASN A 227 -14.63 19.88 13.97
CA ASN A 227 -13.85 20.08 15.19
C ASN A 227 -13.87 21.55 15.63
N LEU A 228 -13.72 22.47 14.69
CA LEU A 228 -13.53 23.88 15.02
C LEU A 228 -14.83 24.66 15.15
N GLY A 229 -15.91 24.21 14.52
CA GLY A 229 -17.11 25.00 14.38
C GLY A 229 -17.11 25.92 13.18
N SER A 230 -15.93 26.26 12.66
CA SER A 230 -15.79 27.06 11.46
C SER A 230 -14.37 26.86 10.92
N LEU A 231 -14.19 27.15 9.63
CA LEU A 231 -12.86 27.13 9.07
C LEU A 231 -12.31 28.55 8.96
N PRO A 232 -10.98 28.74 9.06
CA PRO A 232 -10.44 30.11 9.09
C PRO A 232 -10.64 30.89 7.81
N TRP A 233 -11.02 30.25 6.70
CA TRP A 233 -11.32 30.97 5.47
C TRP A 233 -12.81 31.21 5.28
N GLN A 234 -13.62 30.96 6.32
CA GLN A 234 -15.02 31.35 6.33
C GLN A 234 -15.16 32.83 6.68
N GLY A 235 -16.27 33.42 6.23
CA GLY A 235 -16.62 34.76 6.67
C GLY A 235 -15.62 35.82 6.28
N LEU A 236 -15.05 35.73 5.09
CA LEU A 236 -14.14 36.76 4.61
C LEU A 236 -14.90 37.79 3.80
N LYS A 237 -14.48 39.05 3.93
CA LYS A 237 -15.16 40.15 3.28
C LYS A 237 -14.79 40.21 1.80
N ALA A 238 -15.79 40.43 0.96
CA ALA A 238 -15.56 40.56 -0.48
C ALA A 238 -16.87 40.98 -1.14
N ALA A 239 -16.74 41.60 -2.31
CA ALA A 239 -17.88 42.17 -3.02
C ALA A 239 -18.24 41.41 -4.29
N LYS A 241 -17.63 38.86 -5.79
CA LYS A 241 -17.79 37.40 -5.78
C LYS A 241 -16.58 36.61 -6.31
N ARG A 242 -15.96 37.07 -7.41
CA ARG A 242 -14.66 36.52 -7.76
C ARG A 242 -13.65 36.85 -6.69
N GLN A 243 -13.76 38.06 -6.13
CA GLN A 243 -12.89 38.50 -5.06
C GLN A 243 -13.01 37.56 -3.86
N LYS A 244 -14.22 37.07 -3.59
CA LYS A 244 -14.44 36.14 -2.48
C LYS A 244 -13.63 34.86 -2.66
N TYR A 245 -13.67 34.28 -3.87
CA TYR A 245 -12.89 33.07 -4.14
C TYR A 245 -11.40 33.33 -4.04
N GLU A 246 -10.93 34.45 -4.60
CA GLU A 246 -9.52 34.80 -4.46
C GLU A 246 -9.12 34.79 -2.99
N ARG A 247 -9.92 35.42 -2.13
CA ARG A 247 -9.57 35.55 -0.72
C ARG A 247 -9.61 34.20 -0.01
N ILE A 248 -10.60 33.36 -0.32
CA ILE A 248 -10.65 32.03 0.26
C ILE A 248 -9.42 31.23 -0.15
N SER A 249 -9.09 31.27 -1.44
CA SER A 249 -7.91 30.58 -1.94
C SER A 249 -6.65 31.05 -1.21
N GLU A 250 -6.49 32.37 -1.09
CA GLU A 250 -5.31 32.93 -0.45
C GLU A 250 -5.18 32.45 0.99
N LYS A 251 -6.26 32.57 1.76
CA LYS A 251 -6.24 32.19 3.16
C LYS A 251 -5.97 30.69 3.31
N LYS A 252 -6.60 29.89 2.45
CA LYS A 252 -6.42 28.44 2.51
C LYS A 252 -4.98 28.06 2.22
N MET A 253 -4.34 28.76 1.27
CA MET A 253 -2.99 28.41 0.87
C MET A 253 -1.93 29.01 1.79
N SER A 254 -2.26 30.03 2.57
CA SER A 254 -1.34 30.61 3.54
C SER A 254 -1.60 30.12 4.96
N THR A 255 -2.54 29.21 5.16
CA THR A 255 -2.82 28.62 6.46
C THR A 255 -2.17 27.24 6.52
N PRO A 256 -1.03 27.07 7.20
CA PRO A 256 -0.43 25.74 7.27
C PRO A 256 -1.34 24.76 8.00
N ILE A 257 -1.26 23.50 7.59
CA ILE A 257 -2.10 22.45 8.18
C ILE A 257 -1.88 22.35 9.68
N GLU A 258 -0.63 22.52 10.14
CA GLU A 258 -0.37 22.43 11.57
C GLU A 258 -0.99 23.59 12.33
N VAL A 259 -1.22 24.73 11.67
CA VAL A 259 -1.94 25.83 12.31
C VAL A 259 -3.44 25.56 12.28
N LEU A 260 -3.95 25.12 11.13
CA LEU A 260 -5.36 24.76 11.01
C LEU A 260 -5.77 23.77 12.09
N CYS A 261 -4.95 22.75 12.31
CA CYS A 261 -5.29 21.64 13.19
C CYS A 261 -4.72 21.78 14.59
N LYS A 262 -4.11 22.93 14.91
CA LYS A 262 -3.47 23.08 16.22
C LYS A 262 -4.47 22.81 17.33
N GLY A 263 -4.03 22.06 18.34
CA GLY A 263 -4.88 21.73 19.46
C GLY A 263 -5.81 20.54 19.25
N TYR A 264 -5.68 19.85 18.12
CA TYR A 264 -6.49 18.67 17.83
C TYR A 264 -5.58 17.52 17.47
N PRO A 265 -6.07 16.29 17.59
CA PRO A 265 -5.20 15.12 17.36
C PRO A 265 -4.47 15.20 16.03
N SER A 266 -3.20 14.77 16.06
CA SER A 266 -2.33 14.85 14.89
C SER A 266 -2.89 14.10 13.69
N GLU A 267 -3.80 13.14 13.91
CA GLU A 267 -4.29 12.31 12.81
C GLU A 267 -4.98 13.15 11.75
N PHE A 268 -5.64 14.24 12.16
CA PHE A 268 -6.33 15.08 11.20
C PHE A 268 -5.36 15.84 10.31
N ALA A 269 -4.23 16.29 10.87
CA ALA A 269 -3.22 16.94 10.06
C ALA A 269 -2.51 15.95 9.17
N THR A 270 -2.16 14.77 9.70
CA THR A 270 -1.61 13.72 8.86
C THR A 270 -2.54 13.38 7.71
N TYR A 271 -3.85 13.30 7.99
CA TYR A 271 -4.81 13.02 6.94
C TYR A 271 -4.74 14.06 5.83
N LEU A 272 -4.80 15.34 6.20
CA LEU A 272 -4.80 16.40 5.19
C LEU A 272 -3.48 16.44 4.43
N ASN A 273 -2.36 16.25 5.14
CA ASN A 273 -1.05 16.21 4.48
C ASN A 273 -0.99 15.08 3.47
N PHE A 274 -1.51 13.92 3.84
CA PHE A 274 -1.53 12.78 2.92
C PHE A 274 -2.31 13.11 1.66
N CYS A 275 -3.50 13.71 1.82
CA CYS A 275 -4.32 14.05 0.68
C CYS A 275 -3.66 15.10 -0.21
N ARG A 276 -3.02 16.11 0.42
CA ARG A 276 -2.34 17.14 -0.36
C ARG A 276 -1.09 16.59 -1.06
N SER A 277 -0.56 15.44 -0.62
CA SER A 277 0.60 14.84 -1.25
C SER A 277 0.23 13.89 -2.40
N LEU A 278 -1.04 13.54 -2.56
CA LEU A 278 -1.44 12.60 -3.59
C LEU A 278 -1.23 13.20 -4.98
N ARG A 279 -0.75 12.36 -5.90
CA ARG A 279 -0.65 12.75 -7.29
C ARG A 279 -2.01 12.72 -7.97
N PHE A 280 -2.09 13.38 -9.12
CA PHE A 280 -3.36 13.57 -9.81
C PHE A 280 -4.12 12.25 -9.98
N ASP A 281 -3.47 11.23 -10.53
CA ASP A 281 -4.12 9.96 -10.82
C ASP A 281 -3.85 8.88 -9.78
N ASP A 282 -3.28 9.22 -8.63
CA ASP A 282 -3.05 8.24 -7.57
C ASP A 282 -4.37 7.63 -7.11
N LYS A 283 -4.35 6.32 -6.87
CA LYS A 283 -5.41 5.68 -6.11
C LYS A 283 -5.13 5.93 -4.64
N PRO A 284 -5.96 6.69 -3.93
CA PRO A 284 -5.69 6.95 -2.51
C PRO A 284 -5.66 5.65 -1.71
N ASP A 285 -4.88 5.64 -0.64
CA ASP A 285 -4.86 4.50 0.28
C ASP A 285 -5.96 4.76 1.30
N TYR A 286 -7.19 4.36 0.95
CA TYR A 286 -8.32 4.60 1.84
C TYR A 286 -8.16 3.84 3.14
N SER A 287 -7.64 2.61 3.07
CA SER A 287 -7.47 1.78 4.25
C SER A 287 -6.53 2.44 5.24
N TYR A 288 -5.44 3.03 4.75
CA TYR A 288 -4.52 3.76 5.63
C TYR A 288 -5.22 4.92 6.32
N LEU A 289 -6.03 5.68 5.59
CA LEU A 289 -6.67 6.85 6.16
C LEU A 289 -7.72 6.45 7.20
N ARG A 290 -8.51 5.42 6.93
CA ARG A 290 -9.44 4.92 7.94
C ARG A 290 -8.70 4.41 9.17
N GLN A 291 -7.56 3.75 8.96
CA GLN A 291 -6.84 3.16 10.09
C GLN A 291 -6.23 4.24 10.97
N LEU A 292 -5.83 5.37 10.38
CA LEU A 292 -5.41 6.53 11.17
C LEU A 292 -6.43 6.84 12.25
N PHE A 293 -7.68 7.05 11.84
CA PHE A 293 -8.73 7.45 12.76
C PHE A 293 -9.16 6.30 13.66
N ARG A 294 -9.12 5.07 13.13
CA ARG A 294 -9.45 3.91 13.96
C ARG A 294 -8.45 3.76 15.12
N ASN A 295 -7.17 3.95 14.84
CA ASN A 295 -6.18 3.83 15.91
C ASN A 295 -6.38 4.91 16.96
N LEU A 296 -6.65 6.15 16.53
CA LEU A 296 -6.99 7.20 17.48
C LEU A 296 -8.25 6.82 18.27
N PHE A 297 -9.26 6.32 17.57
CA PHE A 297 -10.50 5.89 18.22
C PHE A 297 -10.23 4.89 19.34
N HIS A 298 -9.35 3.93 19.10
CA HIS A 298 -9.04 2.92 20.11
C HIS A 298 -8.16 3.47 21.23
N ARG A 299 -7.27 4.41 20.90
CA ARG A 299 -6.44 5.04 21.92
C ARG A 299 -7.28 5.87 22.88
N GLN A 300 -8.38 6.46 22.39
CA GLN A 300 -9.29 7.20 23.25
C GLN A 300 -10.14 6.30 24.13
N GLY A 301 -10.17 4.99 23.87
CA GLY A 301 -11.06 4.11 24.60
C GLY A 301 -12.52 4.20 24.20
N PHE A 302 -12.82 4.78 23.05
CA PHE A 302 -14.20 4.89 22.58
C PHE A 302 -14.75 3.52 22.16
N SER A 303 -16.08 3.39 22.25
CA SER A 303 -16.79 2.21 21.79
C SER A 303 -17.42 2.49 20.44
N TYR A 304 -17.39 1.50 19.55
CA TYR A 304 -17.98 1.63 18.21
C TYR A 304 -19.46 1.24 18.22
N ASP A 305 -20.20 1.77 19.19
CA ASP A 305 -21.64 1.58 19.31
C ASP A 305 -22.49 2.46 18.39
N TYR A 306 -21.91 3.30 17.55
CA TYR A 306 -22.67 4.21 16.68
C TYR A 306 -23.53 5.19 17.47
N VAL A 307 -23.12 5.57 18.68
CA VAL A 307 -23.87 6.54 19.47
C VAL A 307 -23.27 7.92 19.18
N PHE A 308 -23.94 8.67 18.31
CA PHE A 308 -23.51 10.01 17.95
C PHE A 308 -24.05 11.00 18.99
N ASP A 309 -23.43 12.19 19.00
CA ASP A 309 -23.84 13.22 19.96
C ASP A 309 -25.34 13.42 19.96
N TRP A 310 -25.97 13.50 18.78
CA TRP A 310 -27.40 13.80 18.71
C TRP A 310 -28.24 12.64 19.23
N ASN A 311 -27.70 11.42 19.28
CA ASN A 311 -28.46 10.30 19.85
C ASN A 311 -28.55 10.36 21.36
N MET A 312 -27.81 11.24 22.02
N MET A 312 -27.81 11.26 22.00
CA MET A 312 -27.81 11.32 23.47
CA MET A 312 -27.76 11.37 23.46
C MET A 312 -28.70 12.44 24.01
C MET A 312 -28.74 12.39 24.01
N LEU A 313 -29.46 13.10 23.16
CA LEU A 313 -30.42 14.09 23.62
C LEU A 313 -31.62 13.39 24.24
N LYS A 314 -32.08 13.91 25.38
CA LYS A 314 -33.14 13.25 26.15
C LYS A 314 -34.48 13.92 25.94
N ARG B 24 26.75 -5.61 -45.21
CA ARG B 24 26.37 -7.01 -45.25
C ARG B 24 24.91 -7.19 -44.83
N VAL B 25 24.56 -6.66 -43.67
CA VAL B 25 23.19 -6.71 -43.17
C VAL B 25 22.55 -5.32 -43.29
N GLY B 26 22.88 -4.43 -42.36
CA GLY B 26 22.24 -3.14 -42.30
C GLY B 26 23.10 -2.03 -42.86
N ASN B 27 23.87 -2.34 -43.91
CA ASN B 27 24.82 -1.43 -44.53
C ASN B 27 26.06 -1.23 -43.66
N ARG B 28 25.90 -1.28 -42.33
CA ARG B 28 27.02 -1.14 -41.41
C ARG B 28 27.24 -2.36 -40.53
N TYR B 29 26.43 -3.40 -40.64
CA TYR B 29 26.49 -4.54 -39.74
C TYR B 29 27.00 -5.78 -40.45
N ARG B 30 27.83 -6.55 -39.76
CA ARG B 30 28.41 -7.79 -40.27
C ARG B 30 27.92 -8.93 -39.38
N LEU B 31 27.42 -10.00 -40.01
CA LEU B 31 26.76 -11.08 -39.29
C LEU B 31 27.78 -12.17 -38.95
N GLY B 32 27.76 -12.62 -37.70
CA GLY B 32 28.66 -13.64 -37.19
C GLY B 32 27.99 -14.99 -37.05
N ARG B 33 28.44 -15.74 -36.04
CA ARG B 33 27.94 -17.08 -35.79
C ARG B 33 26.83 -17.08 -34.75
N LYS B 34 25.94 -18.07 -34.84
CA LYS B 34 24.84 -18.17 -33.89
C LYS B 34 25.37 -18.35 -32.48
N ILE B 35 24.76 -17.66 -31.52
CA ILE B 35 25.20 -17.70 -30.12
C ILE B 35 24.03 -17.99 -29.19
N GLY B 36 22.95 -18.55 -29.70
CA GLY B 36 21.79 -18.83 -28.86
C GLY B 36 20.51 -18.76 -29.65
N SER B 37 19.43 -19.17 -28.98
CA SER B 37 18.08 -19.13 -29.54
C SER B 37 17.20 -18.25 -28.66
N GLY B 38 16.04 -17.91 -29.21
CA GLY B 38 15.05 -17.11 -28.53
C GLY B 38 13.66 -17.54 -28.96
N SER B 39 12.64 -16.76 -28.61
CA SER B 39 11.28 -17.09 -29.04
C SER B 39 11.06 -16.63 -30.47
N PHE B 40 10.80 -17.58 -31.36
CA PHE B 40 10.47 -17.31 -32.77
C PHE B 40 11.66 -16.76 -33.55
N GLY B 41 12.89 -17.01 -33.11
CA GLY B 41 14.04 -16.63 -33.90
C GLY B 41 15.33 -16.96 -33.17
N ASP B 42 16.41 -16.91 -33.94
CA ASP B 42 17.75 -17.23 -33.46
C ASP B 42 18.58 -15.97 -33.30
N ILE B 43 19.50 -16.00 -32.34
CA ILE B 43 20.38 -14.88 -32.03
C ILE B 43 21.74 -15.18 -32.61
N TYR B 44 22.31 -14.22 -33.33
CA TYR B 44 23.63 -14.34 -33.92
C TYR B 44 24.50 -13.21 -33.41
N LEU B 45 25.80 -13.46 -33.34
CA LEU B 45 26.75 -12.40 -33.03
C LEU B 45 26.98 -11.57 -34.29
N GLY B 46 27.07 -10.26 -34.11
CA GLY B 46 27.38 -9.37 -35.21
C GLY B 46 28.30 -8.26 -34.76
N THR B 47 28.77 -7.49 -35.72
CA THR B 47 29.62 -6.34 -35.47
C THR B 47 29.02 -5.11 -36.14
N ASP B 48 28.88 -4.05 -35.37
CA ASP B 48 28.65 -2.73 -35.94
C ASP B 48 30.01 -2.22 -36.44
N ILE B 49 30.18 -2.18 -37.75
CA ILE B 49 31.49 -1.87 -38.33
C ILE B 49 31.80 -0.39 -38.17
N ALA B 50 30.78 0.46 -38.35
CA ALA B 50 31.01 1.90 -38.27
C ALA B 50 31.40 2.32 -36.85
N ALA B 51 30.83 1.66 -35.84
CA ALA B 51 31.09 2.00 -34.45
C ALA B 51 32.16 1.11 -33.81
N GLY B 52 32.60 0.06 -34.49
CA GLY B 52 33.55 -0.86 -33.90
C GLY B 52 33.02 -1.48 -32.61
N GLU B 53 31.80 -2.01 -32.67
CA GLU B 53 31.16 -2.59 -31.50
C GLU B 53 30.45 -3.86 -31.89
N GLU B 54 30.47 -4.85 -31.01
CA GLU B 54 29.74 -6.07 -31.25
C GLU B 54 28.28 -5.89 -30.87
N VAL B 55 27.40 -6.58 -31.58
CA VAL B 55 25.96 -6.50 -31.40
C VAL B 55 25.39 -7.91 -31.38
N ALA B 56 24.14 -8.00 -30.94
CA ALA B 56 23.37 -9.23 -31.08
C ALA B 56 22.32 -9.00 -32.17
N ILE B 57 22.16 -9.99 -33.04
CA ILE B 57 21.29 -9.86 -34.20
C ILE B 57 20.30 -11.01 -34.18
N LYS B 58 19.02 -10.69 -34.15
CA LYS B 58 17.94 -11.66 -34.18
C LYS B 58 17.37 -11.73 -35.58
N LEU B 59 17.22 -12.94 -36.10
CA LEU B 59 16.76 -13.17 -37.46
C LEU B 59 15.43 -13.92 -37.44
N GLU B 60 14.56 -13.55 -38.37
CA GLU B 60 13.28 -14.21 -38.58
C GLU B 60 13.08 -14.38 -40.07
N CYS B 61 12.74 -15.60 -40.49
CA CYS B 61 12.46 -15.84 -41.90
C CYS B 61 11.32 -14.93 -42.36
N VAL B 62 11.56 -14.22 -43.47
CA VAL B 62 10.58 -13.25 -43.95
C VAL B 62 9.23 -13.91 -44.21
N LYS B 63 9.24 -15.13 -44.75
CA LYS B 63 8.03 -15.80 -45.18
C LYS B 63 7.43 -16.69 -44.10
N THR B 64 7.90 -16.60 -42.86
CA THR B 64 7.29 -17.37 -41.78
C THR B 64 5.79 -17.12 -41.73
N LYS B 65 5.03 -18.19 -41.46
CA LYS B 65 3.58 -18.09 -41.48
C LYS B 65 3.04 -17.20 -40.37
N HIS B 66 3.86 -16.88 -39.36
CA HIS B 66 3.44 -16.02 -38.25
C HIS B 66 4.58 -15.05 -37.94
N PRO B 67 4.72 -13.98 -38.73
CA PRO B 67 5.79 -13.01 -38.47
C PRO B 67 5.57 -12.27 -37.16
N GLN B 68 6.65 -12.15 -36.37
CA GLN B 68 6.55 -11.51 -35.06
C GLN B 68 7.65 -10.49 -34.82
N LEU B 69 8.85 -10.70 -35.38
CA LEU B 69 10.02 -9.92 -34.97
C LEU B 69 9.75 -8.42 -34.98
N HIS B 70 9.09 -7.93 -36.03
CA HIS B 70 8.78 -6.50 -36.10
C HIS B 70 7.87 -6.07 -34.96
N ILE B 71 7.01 -6.98 -34.49
CA ILE B 71 6.21 -6.68 -33.30
C ILE B 71 7.09 -6.64 -32.06
N GLU B 72 7.92 -7.67 -31.87
CA GLU B 72 8.79 -7.70 -30.70
C GLU B 72 9.69 -6.47 -30.67
N SER B 73 10.16 -6.05 -31.84
CA SER B 73 11.03 -4.88 -31.91
C SER B 73 10.29 -3.61 -31.48
N LYS B 74 9.02 -3.48 -31.84
CA LYS B 74 8.27 -2.31 -31.40
C LYS B 74 8.07 -2.29 -29.90
N ILE B 75 8.06 -3.47 -29.25
CA ILE B 75 8.01 -3.50 -27.79
C ILE B 75 9.36 -3.06 -27.22
N TYR B 76 10.46 -3.60 -27.76
CA TYR B 76 11.78 -3.16 -27.31
C TYR B 76 11.93 -1.66 -27.48
N LYS B 77 11.46 -1.13 -28.61
CA LYS B 77 11.56 0.32 -28.85
C LYS B 77 10.74 1.09 -27.82
N MET B 78 9.58 0.57 -27.46
CA MET B 78 8.73 1.22 -26.47
C MET B 78 9.34 1.13 -25.08
N MET B 79 10.03 0.03 -24.78
CA MET B 79 10.72 -0.15 -23.51
C MET B 79 12.00 0.68 -23.39
N GLN B 80 12.47 1.29 -24.48
CA GLN B 80 13.79 1.91 -24.47
C GLN B 80 13.90 2.94 -23.35
N GLY B 81 15.10 3.05 -22.79
CA GLY B 81 15.35 3.95 -21.69
C GLY B 81 15.10 3.35 -20.32
N GLY B 82 14.36 2.25 -20.24
CA GLY B 82 14.21 1.56 -18.98
C GLY B 82 15.51 0.88 -18.58
N VAL B 83 15.76 0.86 -17.27
CA VAL B 83 16.94 0.18 -16.75
C VAL B 83 16.88 -1.29 -17.13
N GLY B 84 18.00 -1.81 -17.64
CA GLY B 84 18.10 -3.22 -17.92
C GLY B 84 17.29 -3.71 -19.11
N ILE B 85 16.91 -2.82 -20.01
CA ILE B 85 16.30 -3.19 -21.28
C ILE B 85 17.35 -3.03 -22.37
N PRO B 86 17.64 -4.07 -23.16
CA PRO B 86 18.68 -3.93 -24.19
C PRO B 86 18.31 -2.88 -25.23
N THR B 87 19.33 -2.17 -25.71
CA THR B 87 19.15 -1.17 -26.74
C THR B 87 18.93 -1.83 -28.09
N ILE B 88 18.00 -1.29 -28.86
CA ILE B 88 17.69 -1.77 -30.20
C ILE B 88 18.29 -0.76 -31.17
N ARG B 89 19.30 -1.19 -31.92
CA ARG B 89 20.06 -0.32 -32.80
C ARG B 89 19.50 -0.26 -34.22
N TRP B 90 18.96 -1.37 -34.73
CA TRP B 90 18.45 -1.37 -36.10
C TRP B 90 17.44 -2.50 -36.26
N CYS B 91 16.40 -2.23 -37.05
CA CYS B 91 15.40 -3.21 -37.41
C CYS B 91 15.02 -3.01 -38.87
N GLY B 92 14.94 -4.10 -39.62
CA GLY B 92 14.61 -4.02 -41.02
C GLY B 92 14.56 -5.40 -41.64
N ALA B 93 14.77 -5.45 -42.94
CA ALA B 93 14.73 -6.71 -43.67
C ALA B 93 15.88 -6.76 -44.67
N GLU B 94 16.63 -7.86 -44.64
CA GLU B 94 17.72 -8.11 -45.57
C GLU B 94 17.55 -9.52 -46.14
N GLY B 95 17.54 -9.64 -47.46
CA GLY B 95 17.47 -10.94 -48.09
C GLY B 95 16.26 -11.74 -47.63
N ASP B 96 16.51 -12.93 -47.07
CA ASP B 96 15.46 -13.85 -46.65
C ASP B 96 15.03 -13.63 -45.21
N TYR B 97 15.56 -12.64 -44.51
CA TYR B 97 15.34 -12.48 -43.09
C TYR B 97 14.85 -11.09 -42.74
N ASN B 98 13.94 -11.03 -41.77
CA ASN B 98 13.77 -9.81 -40.99
C ASN B 98 14.83 -9.78 -39.90
N VAL B 99 15.30 -8.59 -39.59
CA VAL B 99 16.50 -8.43 -38.78
C VAL B 99 16.22 -7.47 -37.63
N MET B 100 16.68 -7.84 -36.44
CA MET B 100 16.66 -6.96 -35.28
C MET B 100 18.06 -6.95 -34.69
N VAL B 101 18.69 -5.78 -34.66
CA VAL B 101 20.05 -5.63 -34.15
C VAL B 101 19.97 -5.00 -32.77
N MET B 102 20.56 -5.67 -31.78
CA MET B 102 20.54 -5.25 -30.40
C MET B 102 21.97 -5.06 -29.90
N GLU B 103 22.13 -4.25 -28.86
CA GLU B 103 23.41 -4.23 -28.16
C GLU B 103 23.70 -5.62 -27.63
N LEU B 104 24.96 -6.01 -27.68
CA LEU B 104 25.36 -7.29 -27.13
C LEU B 104 25.35 -7.23 -25.61
N LEU B 105 24.77 -8.25 -24.99
CA LEU B 105 24.76 -8.40 -23.54
C LEU B 105 25.62 -9.60 -23.17
N GLY B 106 25.81 -9.77 -21.86
CA GLY B 106 26.65 -10.83 -21.36
C GLY B 106 25.90 -12.14 -21.15
N PRO B 107 26.46 -13.02 -20.34
CA PRO B 107 25.86 -14.35 -20.17
C PRO B 107 24.53 -14.29 -19.41
N SER B 108 23.71 -15.30 -19.64
CA SER B 108 22.45 -15.45 -18.93
C SER B 108 22.70 -15.95 -17.51
N LEU B 109 21.69 -15.79 -16.66
CA LEU B 109 21.80 -16.29 -15.29
C LEU B 109 21.89 -17.81 -15.27
N GLU B 110 21.29 -18.49 -16.25
CA GLU B 110 21.44 -19.93 -16.36
C GLU B 110 22.90 -20.30 -16.68
N ASP B 111 23.48 -19.63 -17.67
CA ASP B 111 24.90 -19.84 -17.98
C ASP B 111 25.77 -19.59 -16.76
N LEU B 112 25.54 -18.46 -16.09
CA LEU B 112 26.35 -18.12 -14.92
C LEU B 112 26.09 -19.08 -13.77
N PHE B 113 24.84 -19.53 -13.61
CA PHE B 113 24.53 -20.53 -12.60
C PHE B 113 25.30 -21.82 -12.84
N ASN B 114 25.33 -22.29 -14.09
CA ASN B 114 26.10 -23.48 -14.41
C ASN B 114 27.60 -23.24 -14.24
N PHE B 115 28.07 -22.05 -14.61
CA PHE B 115 29.50 -21.76 -14.50
C PHE B 115 29.92 -21.74 -13.03
N CYS B 116 28.99 -21.38 -12.15
CA CYS B 116 29.22 -21.36 -10.70
C CYS B 116 28.87 -22.67 -10.04
N SER B 117 28.79 -23.76 -10.79
CA SER B 117 28.50 -25.09 -10.26
C SER B 117 27.09 -25.18 -9.68
N ARG B 118 26.16 -24.40 -10.23
CA ARG B 118 24.75 -24.48 -9.86
C ARG B 118 24.53 -24.24 -8.38
N LYS B 119 25.34 -23.36 -7.78
CA LYS B 119 25.10 -22.88 -6.42
C LYS B 119 25.45 -21.40 -6.37
N PHE B 120 24.48 -20.58 -5.95
CA PHE B 120 24.67 -19.16 -5.70
C PHE B 120 24.62 -18.88 -4.21
N SER B 121 25.49 -17.98 -3.75
CA SER B 121 25.42 -17.54 -2.38
C SER B 121 24.13 -16.76 -2.14
N LEU B 122 23.72 -16.69 -0.87
CA LEU B 122 22.52 -15.94 -0.52
C LEU B 122 22.64 -14.49 -0.95
N LYS B 123 23.82 -13.90 -0.77
CA LYS B 123 24.03 -12.51 -1.19
C LYS B 123 23.73 -12.34 -2.68
N THR B 124 24.25 -13.24 -3.51
CA THR B 124 24.03 -13.13 -4.96
C THR B 124 22.54 -13.26 -5.28
N VAL B 125 21.87 -14.22 -4.66
CA VAL B 125 20.43 -14.39 -4.91
C VAL B 125 19.67 -13.12 -4.57
N LEU B 126 20.05 -12.47 -3.47
CA LEU B 126 19.32 -11.28 -3.04
C LEU B 126 19.65 -10.08 -3.94
N LEU B 127 20.92 -9.93 -4.33
CA LEU B 127 21.26 -8.92 -5.32
C LEU B 127 20.45 -9.11 -6.58
N LEU B 128 20.36 -10.35 -7.06
CA LEU B 128 19.59 -10.64 -8.27
C LEU B 128 18.10 -10.37 -8.05
N ALA B 129 17.56 -10.82 -6.92
CA ALA B 129 16.13 -10.65 -6.66
C ALA B 129 15.74 -9.18 -6.71
N ASP B 130 16.57 -8.31 -6.12
CA ASP B 130 16.25 -6.88 -6.08
C ASP B 130 16.11 -6.33 -7.49
N GLN B 131 17.05 -6.64 -8.38
CA GLN B 131 16.99 -6.12 -9.74
C GLN B 131 15.88 -6.78 -10.54
N MET B 132 15.69 -8.09 -10.38
CA MET B 132 14.73 -8.81 -11.20
C MET B 132 13.29 -8.39 -10.89
N ILE B 133 12.97 -8.14 -9.62
CA ILE B 133 11.64 -7.61 -9.30
C ILE B 133 11.42 -6.29 -10.00
N SER B 134 12.47 -5.45 -10.06
CA SER B 134 12.34 -4.14 -10.69
C SER B 134 12.16 -4.25 -12.20
N ARG B 135 12.88 -5.17 -12.86
CA ARG B 135 12.67 -5.35 -14.30
C ARG B 135 11.22 -5.68 -14.58
N ILE B 136 10.68 -6.65 -13.84
CA ILE B 136 9.31 -7.08 -14.05
C ILE B 136 8.35 -5.93 -13.78
N GLU B 137 8.58 -5.17 -12.70
CA GLU B 137 7.75 -4.01 -12.44
C GLU B 137 7.79 -3.03 -13.60
N TYR B 138 8.99 -2.80 -14.16
CA TYR B 138 9.09 -1.86 -15.28
C TYR B 138 8.27 -2.35 -16.47
N ILE B 139 8.39 -3.63 -16.81
CA ILE B 139 7.61 -4.18 -17.91
C ILE B 139 6.12 -3.97 -17.65
N HIS B 140 5.68 -4.23 -16.41
CA HIS B 140 4.28 -4.06 -16.07
C HIS B 140 3.86 -2.60 -16.16
N SER B 141 4.76 -1.68 -15.80
CA SER B 141 4.45 -0.26 -15.92
C SER B 141 4.23 0.13 -17.38
N LYS B 142 4.77 -0.64 -18.32
CA LYS B 142 4.53 -0.42 -19.74
C LYS B 142 3.37 -1.23 -20.27
N ASN B 143 2.53 -1.77 -19.38
CA ASN B 143 1.27 -2.42 -19.74
C ASN B 143 1.46 -3.79 -20.36
N PHE B 144 2.60 -4.42 -20.12
CA PHE B 144 2.88 -5.75 -20.64
C PHE B 144 3.18 -6.70 -19.50
N ILE B 145 2.85 -7.98 -19.71
CA ILE B 145 3.35 -9.07 -18.89
C ILE B 145 4.30 -9.88 -19.74
N HIS B 146 5.38 -10.38 -19.12
CA HIS B 146 6.44 -11.04 -19.87
C HIS B 146 6.04 -12.46 -20.25
N ARG B 147 5.54 -13.23 -19.28
CA ARG B 147 4.97 -14.56 -19.45
C ARG B 147 6.00 -15.66 -19.70
N ASP B 148 7.30 -15.33 -19.75
CA ASP B 148 8.34 -16.38 -19.74
C ASP B 148 9.48 -15.89 -18.85
N VAL B 149 9.26 -15.93 -17.54
CA VAL B 149 10.27 -15.53 -16.58
C VAL B 149 11.07 -16.77 -16.21
N LYS B 150 12.36 -16.74 -16.49
CA LYS B 150 13.22 -17.89 -16.34
C LYS B 150 14.67 -17.43 -16.43
N PRO B 151 15.61 -18.20 -15.88
CA PRO B 151 17.00 -17.74 -15.84
C PRO B 151 17.59 -17.40 -17.20
N ASP B 152 17.19 -18.12 -18.26
CA ASP B 152 17.73 -17.88 -19.59
C ASP B 152 17.39 -16.49 -20.12
N ASN B 153 16.32 -15.87 -19.63
CA ASN B 153 15.86 -14.58 -20.15
C ASN B 153 16.34 -13.40 -19.31
N PHE B 154 17.27 -13.63 -18.40
CA PHE B 154 17.97 -12.56 -17.69
C PHE B 154 19.45 -12.66 -18.01
N LEU B 155 20.03 -11.59 -18.52
CA LEU B 155 21.42 -11.54 -18.93
C LEU B 155 22.12 -10.40 -18.20
N MET B 156 23.35 -10.65 -17.78
CA MET B 156 24.16 -9.58 -17.24
C MET B 156 24.71 -8.71 -18.36
N GLY B 157 24.89 -7.44 -18.08
CA GLY B 157 25.51 -6.54 -19.03
C GLY B 157 27.00 -6.80 -19.17
N LEU B 158 27.61 -6.10 -20.11
CA LEU B 158 29.04 -6.20 -20.36
C LEU B 158 29.77 -4.95 -19.88
N GLY B 159 31.02 -5.13 -19.49
CA GLY B 159 31.86 -3.99 -19.15
C GLY B 159 31.29 -3.18 -18.01
N LYS B 160 31.16 -1.88 -18.26
CA LYS B 160 30.67 -0.94 -17.24
C LYS B 160 29.24 -1.23 -16.83
N LYS B 161 28.51 -2.03 -17.60
CA LYS B 161 27.15 -2.46 -17.27
C LYS B 161 27.13 -3.84 -16.63
N GLY B 162 28.29 -4.38 -16.24
CA GLY B 162 28.38 -5.75 -15.77
C GLY B 162 27.66 -6.05 -14.47
N ASN B 163 27.29 -5.03 -13.71
CA ASN B 163 26.52 -5.25 -12.48
C ASN B 163 25.02 -5.19 -12.73
N LEU B 164 24.58 -5.04 -13.96
CA LEU B 164 23.20 -4.75 -14.27
C LEU B 164 22.55 -5.98 -14.87
N VAL B 165 21.40 -6.37 -14.33
CA VAL B 165 20.64 -7.49 -14.85
C VAL B 165 19.69 -6.96 -15.92
N TYR B 166 19.80 -7.52 -17.12
CA TYR B 166 18.89 -7.20 -18.22
C TYR B 166 17.86 -8.32 -18.35
N ILE B 167 16.68 -7.95 -18.85
CA ILE B 167 15.67 -8.92 -19.23
C ILE B 167 15.51 -8.87 -20.74
N ILE B 168 15.27 -10.02 -21.37
CA ILE B 168 15.21 -10.12 -22.81
C ILE B 168 13.98 -10.93 -23.22
N ASP B 169 13.71 -10.91 -24.53
CA ASP B 169 12.75 -11.79 -25.18
C ASP B 169 11.30 -11.46 -24.83
N PHE B 170 10.69 -10.58 -25.62
CA PHE B 170 9.28 -10.23 -25.51
C PHE B 170 8.42 -10.96 -26.53
N GLY B 171 8.94 -12.05 -27.11
CA GLY B 171 8.18 -12.77 -28.12
C GLY B 171 6.90 -13.37 -27.59
N LEU B 172 6.87 -13.75 -26.32
CA LEU B 172 5.67 -14.27 -25.69
C LEU B 172 4.92 -13.23 -24.86
N ALA B 173 5.42 -12.00 -24.80
CA ALA B 173 4.78 -10.98 -24.00
C ALA B 173 3.39 -10.64 -24.55
N LYS B 174 2.56 -10.08 -23.69
CA LYS B 174 1.19 -9.74 -24.01
C LYS B 174 0.81 -8.50 -23.21
N LYS B 175 0.01 -7.64 -23.82
CA LYS B 175 -0.50 -6.46 -23.13
C LYS B 175 -1.66 -6.86 -22.23
N TYR B 176 -1.54 -6.54 -20.93
CA TYR B 176 -2.57 -6.90 -19.97
C TYR B 176 -3.52 -5.76 -19.63
N ARG B 177 -3.24 -4.54 -20.08
CA ARG B 177 -4.00 -3.37 -19.64
C ARG B 177 -4.80 -2.77 -20.79
N HIS B 184 -7.72 -3.57 -17.76
CA HIS B 184 -7.19 -4.91 -17.54
C HIS B 184 -7.92 -5.92 -18.42
N ILE B 185 -7.20 -6.90 -18.94
CA ILE B 185 -7.79 -7.97 -19.75
C ILE B 185 -8.76 -8.75 -18.86
N PRO B 186 -9.78 -9.39 -19.43
CA PRO B 186 -10.75 -10.11 -18.61
C PRO B 186 -10.21 -11.43 -18.09
N TYR B 187 -10.86 -11.93 -17.04
CA TYR B 187 -10.54 -13.24 -16.51
C TYR B 187 -10.95 -14.30 -17.53
N ARG B 188 -9.99 -15.09 -17.99
CA ARG B 188 -10.22 -16.10 -19.00
C ARG B 188 -9.29 -17.27 -18.75
N GLU B 189 -9.40 -18.29 -19.60
CA GLU B 189 -8.55 -19.47 -19.52
C GLU B 189 -7.84 -19.64 -20.85
N ASN B 190 -6.53 -19.44 -20.86
CA ASN B 190 -5.72 -19.61 -22.06
C ASN B 190 -4.59 -20.60 -21.80
N THR B 194 2.65 -22.34 -22.40
CA THR B 194 2.99 -21.10 -23.08
C THR B 194 4.49 -20.89 -22.85
N GLY B 195 4.82 -20.57 -21.60
CA GLY B 195 6.19 -20.36 -21.19
C GLY B 195 6.81 -21.69 -20.77
N THR B 196 7.90 -21.61 -20.02
CA THR B 196 8.56 -22.82 -19.54
C THR B 196 7.75 -23.43 -18.39
N ALA B 197 7.59 -24.76 -18.45
CA ALA B 197 6.75 -25.43 -17.46
C ALA B 197 7.38 -25.39 -16.07
N ARG B 198 8.70 -25.46 -16.01
CA ARG B 198 9.39 -25.53 -14.71
C ARG B 198 9.04 -24.33 -13.84
N TYR B 199 8.99 -23.14 -14.41
CA TYR B 199 8.78 -21.91 -13.66
C TYR B 199 7.35 -21.39 -13.75
N ALA B 200 6.46 -22.11 -14.43
CA ALA B 200 5.09 -21.62 -14.59
C ALA B 200 4.38 -21.56 -13.25
N SER B 201 3.52 -20.56 -13.11
CA SER B 201 2.72 -20.42 -11.91
C SER B 201 1.66 -21.52 -11.86
N ILE B 202 1.14 -21.75 -10.66
CA ILE B 202 0.04 -22.69 -10.49
C ILE B 202 -1.18 -22.24 -11.29
N ASN B 203 -1.42 -20.92 -11.33
CA ASN B 203 -2.54 -20.41 -12.13
C ASN B 203 -2.42 -20.84 -13.57
N THR B 204 -1.20 -20.79 -14.12
CA THR B 204 -0.97 -21.19 -15.51
C THR B 204 -1.28 -22.66 -15.72
N HIS B 205 -0.84 -23.52 -14.78
CA HIS B 205 -1.16 -24.95 -14.88
C HIS B 205 -2.66 -25.18 -14.84
N LEU B 206 -3.41 -24.34 -14.14
CA LEU B 206 -4.86 -24.48 -14.09
C LEU B 206 -5.52 -23.95 -15.35
N GLY B 207 -4.75 -23.41 -16.29
CA GLY B 207 -5.28 -22.89 -17.53
C GLY B 207 -5.73 -21.45 -17.47
N ILE B 208 -5.38 -20.72 -16.41
CA ILE B 208 -5.83 -19.35 -16.24
C ILE B 208 -4.93 -18.41 -17.04
N GLU B 209 -5.55 -17.43 -17.68
CA GLU B 209 -4.83 -16.36 -18.35
C GLU B 209 -3.81 -15.73 -17.42
N GLN B 210 -2.60 -15.54 -17.92
CA GLN B 210 -1.53 -14.97 -17.09
C GLN B 210 -1.76 -13.48 -16.88
N SER B 211 -1.31 -13.00 -15.72
CA SER B 211 -1.41 -11.59 -15.37
C SER B 211 -0.13 -11.23 -14.60
N ARG B 212 -0.11 -10.03 -14.01
CA ARG B 212 1.11 -9.55 -13.36
C ARG B 212 1.58 -10.50 -12.27
N ARG B 213 0.66 -11.05 -11.49
CA ARG B 213 1.01 -11.94 -10.39
C ARG B 213 1.86 -13.12 -10.86
N ASP B 214 1.59 -13.60 -12.07
CA ASP B 214 2.23 -14.83 -12.54
C ASP B 214 3.70 -14.62 -12.90
N ASP B 215 4.03 -13.46 -13.47
CA ASP B 215 5.43 -13.12 -13.68
C ASP B 215 6.21 -13.19 -12.36
N LEU B 216 5.61 -12.68 -11.28
CA LEU B 216 6.29 -12.64 -9.99
C LEU B 216 6.34 -14.02 -9.33
N GLU B 217 5.29 -14.83 -9.46
CA GLU B 217 5.37 -16.19 -8.94
C GLU B 217 6.47 -16.98 -9.65
N SER B 218 6.56 -16.83 -10.98
CA SER B 218 7.64 -17.47 -11.72
C SER B 218 9.00 -17.03 -11.18
N LEU B 219 9.16 -15.73 -10.93
CA LEU B 219 10.41 -15.25 -10.33
C LEU B 219 10.67 -15.94 -9.00
N GLY B 220 9.62 -16.14 -8.20
CA GLY B 220 9.80 -16.80 -6.91
C GLY B 220 10.38 -18.20 -7.06
N TYR B 221 9.89 -18.95 -8.05
CA TYR B 221 10.45 -20.27 -8.32
C TYR B 221 11.89 -20.16 -8.81
N VAL B 222 12.20 -19.14 -9.61
CA VAL B 222 13.56 -18.95 -10.10
C VAL B 222 14.50 -18.71 -8.92
N LEU B 223 14.07 -17.89 -7.96
CA LEU B 223 14.91 -17.63 -6.78
C LEU B 223 15.14 -18.89 -5.97
N MET B 224 14.09 -19.69 -5.76
CA MET B 224 14.30 -20.94 -5.04
C MET B 224 15.11 -21.93 -5.87
N TYR B 225 14.98 -21.86 -7.19
CA TYR B 225 15.83 -22.65 -8.08
C TYR B 225 17.31 -22.32 -7.87
N PHE B 226 17.64 -21.03 -7.76
CA PHE B 226 19.02 -20.64 -7.50
C PHE B 226 19.49 -21.14 -6.14
N ASN B 227 18.61 -21.11 -5.13
CA ASN B 227 18.99 -21.57 -3.80
C ASN B 227 19.22 -23.08 -3.78
N LEU B 228 18.35 -23.84 -4.42
CA LEU B 228 18.35 -25.29 -4.31
C LEU B 228 19.24 -25.98 -5.33
N GLY B 229 19.53 -25.33 -6.46
CA GLY B 229 20.18 -25.98 -7.57
C GLY B 229 19.23 -26.69 -8.51
N SER B 230 18.03 -27.02 -8.04
CA SER B 230 16.99 -27.63 -8.85
C SER B 230 15.67 -27.45 -8.10
N LEU B 231 14.58 -27.57 -8.85
CA LEU B 231 13.25 -27.56 -8.24
C LEU B 231 12.70 -28.98 -8.14
N PRO B 232 11.86 -29.26 -7.14
CA PRO B 232 11.41 -30.64 -6.93
C PRO B 232 10.55 -31.21 -8.04
N TRP B 233 10.02 -30.38 -8.94
CA TRP B 233 9.24 -30.87 -10.07
C TRP B 233 10.08 -31.00 -11.34
N GLN B 234 11.40 -30.88 -11.23
CA GLN B 234 12.31 -31.18 -12.34
C GLN B 234 12.54 -32.68 -12.46
N GLY B 235 12.89 -33.11 -13.67
CA GLY B 235 13.34 -34.48 -13.88
C GLY B 235 12.34 -35.56 -13.49
N LEU B 236 11.07 -35.34 -13.81
CA LEU B 236 10.04 -36.32 -13.53
C LEU B 236 9.82 -37.21 -14.75
N LYS B 237 9.56 -38.49 -14.48
CA LYS B 237 9.44 -39.46 -15.56
C LYS B 237 8.14 -39.24 -16.33
N ALA B 238 8.23 -39.26 -17.65
CA ALA B 238 7.07 -39.30 -18.53
C ALA B 238 7.55 -39.49 -19.96
N ALA B 239 6.69 -40.08 -20.78
CA ALA B 239 7.05 -40.44 -22.16
C ALA B 239 6.28 -39.58 -23.16
N LYS B 241 4.54 -35.90 -23.90
CA LYS B 241 4.69 -34.52 -23.48
C LYS B 241 3.51 -34.01 -22.64
N ARG B 242 2.30 -34.48 -22.95
CA ARG B 242 1.15 -34.11 -22.12
C ARG B 242 1.30 -34.59 -20.69
N GLN B 243 1.75 -35.83 -20.50
CA GLN B 243 1.96 -36.34 -19.13
C GLN B 243 3.03 -35.54 -18.40
N LYS B 244 4.05 -35.08 -19.12
CA LYS B 244 5.12 -34.31 -18.48
C LYS B 244 4.57 -33.06 -17.82
N TYR B 245 3.70 -32.32 -18.52
CA TYR B 245 3.10 -31.13 -17.93
C TYR B 245 2.23 -31.50 -16.73
N GLU B 246 1.39 -32.52 -16.88
CA GLU B 246 0.49 -32.91 -15.79
C GLU B 246 1.28 -33.35 -14.56
N ARG B 247 2.36 -34.10 -14.75
CA ARG B 247 3.19 -34.53 -13.64
C ARG B 247 3.82 -33.33 -12.94
N ILE B 248 4.35 -32.38 -13.71
CA ILE B 248 4.90 -31.16 -13.12
C ILE B 248 3.83 -30.42 -12.34
N SER B 249 2.65 -30.26 -12.93
CA SER B 249 1.56 -29.55 -12.25
C SER B 249 1.22 -30.21 -10.93
N GLU B 250 1.05 -31.53 -10.91
CA GLU B 250 0.67 -32.22 -9.67
C GLU B 250 1.74 -32.01 -8.60
N LYS B 251 3.01 -32.20 -8.97
CA LYS B 251 4.09 -32.05 -8.00
C LYS B 251 4.16 -30.63 -7.48
N LYS B 252 3.98 -29.64 -8.37
CA LYS B 252 4.02 -28.24 -7.97
C LYS B 252 2.89 -27.92 -7.00
N MET B 253 1.71 -28.50 -7.24
CA MET B 253 0.54 -28.22 -6.40
C MET B 253 0.48 -29.08 -5.14
N SER B 254 1.22 -30.18 -5.08
CA SER B 254 1.29 -31.01 -3.88
C SER B 254 2.55 -30.73 -3.05
N THR B 255 3.37 -29.78 -3.47
CA THR B 255 4.57 -29.39 -2.73
C THR B 255 4.27 -28.08 -1.99
N PRO B 256 4.00 -28.11 -0.69
CA PRO B 256 3.74 -26.85 0.02
C PRO B 256 4.96 -25.93 0.01
N ILE B 257 4.68 -24.63 0.02
CA ILE B 257 5.74 -23.63 -0.05
C ILE B 257 6.72 -23.82 1.11
N GLU B 258 6.23 -24.14 2.30
CA GLU B 258 7.11 -24.31 3.44
C GLU B 258 8.01 -25.52 3.28
N VAL B 259 7.59 -26.52 2.49
CA VAL B 259 8.45 -27.65 2.19
C VAL B 259 9.45 -27.30 1.10
N LEU B 260 8.96 -26.64 0.03
CA LEU B 260 9.86 -26.20 -1.03
C LEU B 260 11.00 -25.36 -0.49
N CYS B 261 10.69 -24.45 0.44
CA CYS B 261 11.65 -23.48 0.94
C CYS B 261 12.32 -23.91 2.24
N LYS B 262 12.09 -25.14 2.70
CA LYS B 262 12.65 -25.56 3.98
C LYS B 262 14.17 -25.41 3.98
N GLY B 263 14.70 -24.89 5.09
CA GLY B 263 16.12 -24.68 5.23
C GLY B 263 16.65 -23.39 4.63
N TYR B 264 15.77 -22.51 4.14
CA TYR B 264 16.17 -21.24 3.59
C TYR B 264 15.40 -20.10 4.24
N PRO B 265 15.91 -18.88 4.15
CA PRO B 265 15.27 -17.76 4.85
C PRO B 265 13.77 -17.67 4.54
N SER B 266 12.99 -17.35 5.57
CA SER B 266 11.53 -17.32 5.44
C SER B 266 11.06 -16.37 4.36
N GLU B 267 11.89 -15.40 3.97
CA GLU B 267 11.47 -14.40 3.00
C GLU B 267 11.10 -15.02 1.65
N PHE B 268 11.75 -16.12 1.28
CA PHE B 268 11.43 -16.76 0.01
C PHE B 268 10.05 -17.39 0.03
N ALA B 269 9.67 -17.98 1.17
CA ALA B 269 8.33 -18.52 1.32
C ALA B 269 7.29 -17.41 1.43
N THR B 270 7.60 -16.38 2.22
CA THR B 270 6.72 -15.22 2.27
C THR B 270 6.49 -14.63 0.89
N TYR B 271 7.55 -14.52 0.09
CA TYR B 271 7.42 -13.99 -1.27
C TYR B 271 6.43 -14.82 -2.08
N LEU B 272 6.63 -16.14 -2.12
CA LEU B 272 5.79 -17.01 -2.94
C LEU B 272 4.35 -17.02 -2.45
N ASN B 273 4.15 -17.06 -1.13
CA ASN B 273 2.79 -17.01 -0.59
C ASN B 273 2.08 -15.73 -0.99
N PHE B 274 2.79 -14.60 -0.95
CA PHE B 274 2.19 -13.33 -1.36
C PHE B 274 1.76 -13.39 -2.82
N CYS B 275 2.63 -13.91 -3.69
CA CYS B 275 2.30 -13.98 -5.11
C CYS B 275 1.13 -14.92 -5.36
N ARG B 276 1.08 -16.05 -4.64
CA ARG B 276 -0.01 -17.00 -4.80
C ARG B 276 -1.33 -16.45 -4.26
N SER B 277 -1.30 -15.44 -3.38
CA SER B 277 -2.50 -14.84 -2.84
C SER B 277 -3.04 -13.70 -3.70
N LEU B 278 -2.28 -13.22 -4.68
CA LEU B 278 -2.72 -12.10 -5.49
C LEU B 278 -3.95 -12.46 -6.32
N ARG B 279 -4.89 -11.52 -6.41
CA ARG B 279 -6.03 -11.68 -7.29
C ARG B 279 -5.62 -11.40 -8.74
N PHE B 280 -6.48 -11.84 -9.66
CA PHE B 280 -6.15 -11.80 -11.09
C PHE B 280 -5.68 -10.40 -11.51
N ASP B 281 -6.45 -9.37 -11.20
CA ASP B 281 -6.15 -8.02 -11.66
C ASP B 281 -5.43 -7.16 -10.63
N ASP B 282 -4.97 -7.74 -9.52
CA ASP B 282 -4.26 -6.95 -8.51
C ASP B 282 -2.99 -6.34 -9.09
N LYS B 283 -2.72 -5.09 -8.70
CA LYS B 283 -1.41 -4.49 -8.88
C LYS B 283 -0.51 -5.00 -7.77
N PRO B 284 0.53 -5.79 -8.08
CA PRO B 284 1.38 -6.31 -7.01
C PRO B 284 2.07 -5.19 -6.26
N ASP B 285 2.35 -5.42 -4.98
CA ASP B 285 3.11 -4.48 -4.17
C ASP B 285 4.58 -4.82 -4.35
N TYR B 286 5.18 -4.28 -5.42
CA TYR B 286 6.58 -4.58 -5.71
C TYR B 286 7.48 -4.04 -4.61
N SER B 287 7.14 -2.87 -4.09
CA SER B 287 7.96 -2.24 -3.05
C SER B 287 8.01 -3.11 -1.80
N TYR B 288 6.88 -3.73 -1.43
CA TYR B 288 6.87 -4.65 -0.30
C TYR B 288 7.79 -5.84 -0.56
N LEU B 289 7.72 -6.41 -1.77
CA LEU B 289 8.50 -7.61 -2.07
C LEU B 289 10.00 -7.31 -2.10
N ARG B 290 10.39 -6.18 -2.70
CA ARG B 290 11.80 -5.79 -2.66
C ARG B 290 12.27 -5.57 -1.24
N GLN B 291 11.41 -4.98 -0.39
CA GLN B 291 11.80 -4.67 0.98
C GLN B 291 11.99 -5.93 1.81
N LEU B 292 11.21 -6.97 1.53
CA LEU B 292 11.43 -8.27 2.16
C LEU B 292 12.90 -8.68 2.04
N PHE B 293 13.40 -8.71 0.80
CA PHE B 293 14.76 -9.16 0.56
C PHE B 293 15.79 -8.14 1.01
N ARG B 294 15.46 -6.85 0.96
CA ARG B 294 16.37 -5.84 1.46
C ARG B 294 16.58 -5.96 2.96
N ASN B 295 15.51 -6.19 3.72
CA ASN B 295 15.65 -6.35 5.17
C ASN B 295 16.48 -7.57 5.51
N LEU B 296 16.25 -8.69 4.81
CA LEU B 296 17.09 -9.87 5.00
C LEU B 296 18.54 -9.55 4.64
N PHE B 297 18.75 -8.88 3.50
CA PHE B 297 20.09 -8.49 3.07
C PHE B 297 20.82 -7.73 4.16
N HIS B 298 20.15 -6.76 4.79
CA HIS B 298 20.79 -5.98 5.85
C HIS B 298 20.94 -6.79 7.13
N ARG B 299 19.99 -7.69 7.42
CA ARG B 299 20.13 -8.57 8.58
C ARG B 299 21.37 -9.46 8.45
N GLN B 300 21.69 -9.89 7.22
CA GLN B 300 22.88 -10.68 6.99
C GLN B 300 24.16 -9.86 7.09
N GLY B 301 24.08 -8.53 7.11
CA GLY B 301 25.26 -7.71 7.07
C GLY B 301 25.96 -7.64 5.73
N PHE B 302 25.28 -8.03 4.65
CA PHE B 302 25.87 -7.98 3.32
C PHE B 302 26.05 -6.53 2.86
N SER B 303 27.01 -6.35 1.95
CA SER B 303 27.26 -5.06 1.33
C SER B 303 26.64 -5.04 -0.07
N TYR B 304 26.04 -3.90 -0.42
CA TYR B 304 25.43 -3.73 -1.74
C TYR B 304 26.43 -3.23 -2.78
N ASP B 305 27.61 -3.86 -2.81
CA ASP B 305 28.67 -3.57 -3.77
C ASP B 305 28.48 -4.19 -5.15
N TYR B 306 27.39 -4.92 -5.41
CA TYR B 306 27.17 -5.60 -6.70
C TYR B 306 28.26 -6.63 -6.99
N VAL B 307 28.85 -7.25 -5.96
CA VAL B 307 29.86 -8.28 -6.16
C VAL B 307 29.14 -9.63 -6.13
N PHE B 308 28.89 -10.19 -7.31
CA PHE B 308 28.25 -11.48 -7.46
C PHE B 308 29.29 -12.59 -7.34
N ASP B 309 28.80 -13.80 -7.08
CA ASP B 309 29.69 -14.95 -6.93
C ASP B 309 30.68 -15.03 -8.09
N TRP B 310 30.20 -14.86 -9.33
CA TRP B 310 31.07 -15.02 -10.49
C TRP B 310 32.13 -13.92 -10.58
N ASN B 311 31.92 -12.78 -9.91
CA ASN B 311 32.93 -11.73 -9.88
C ASN B 311 34.11 -12.09 -8.99
N MET B 312 34.01 -13.16 -8.19
CA MET B 312 35.04 -13.55 -7.26
C MET B 312 36.00 -14.58 -7.82
N LEU B 313 35.78 -15.04 -9.05
CA LEU B 313 36.67 -16.02 -9.66
C LEU B 313 37.98 -15.36 -10.07
N LYS B 314 39.09 -16.05 -9.80
CA LYS B 314 40.42 -15.50 -10.06
C LYS B 314 41.02 -16.06 -11.34
N ARG C 24 53.39 37.34 8.07
CA ARG C 24 52.29 38.26 7.82
C ARG C 24 51.14 38.01 8.80
N VAL C 25 50.29 37.04 8.47
CA VAL C 25 49.12 36.73 9.29
C VAL C 25 49.50 35.64 10.28
N GLY C 26 49.11 35.82 11.54
CA GLY C 26 49.55 34.90 12.57
C GLY C 26 51.07 34.91 12.62
N ASN C 27 51.66 33.72 12.68
CA ASN C 27 53.10 33.55 12.60
C ASN C 27 53.58 32.85 11.34
N ARG C 28 52.77 31.93 10.80
CA ARG C 28 53.19 31.02 9.74
C ARG C 28 52.37 31.15 8.46
N TYR C 29 51.47 32.13 8.37
CA TYR C 29 50.53 32.23 7.27
C TYR C 29 50.87 33.45 6.42
N ARG C 30 50.91 33.24 5.10
CA ARG C 30 51.20 34.27 4.12
C ARG C 30 49.95 34.52 3.29
N LEU C 31 49.53 35.78 3.21
CA LEU C 31 48.30 36.13 2.50
C LEU C 31 48.50 36.06 0.99
N GLY C 32 47.51 35.49 0.30
CA GLY C 32 47.49 35.45 -1.14
C GLY C 32 46.42 36.36 -1.72
N ARG C 33 46.05 36.09 -2.97
CA ARG C 33 45.09 36.94 -3.67
C ARG C 33 43.66 36.62 -3.22
N LYS C 34 42.81 37.63 -3.34
CA LYS C 34 41.40 37.47 -2.99
C LYS C 34 40.73 36.48 -3.93
N ILE C 35 39.66 35.84 -3.44
CA ILE C 35 38.93 34.87 -4.24
C ILE C 35 37.41 35.05 -4.07
N GLY C 36 36.96 35.13 -2.82
CA GLY C 36 35.53 35.24 -2.54
C GLY C 36 35.27 36.15 -1.34
N GLY C 38 31.59 35.47 1.19
CA GLY C 38 30.53 34.76 1.91
C GLY C 38 29.46 35.68 2.41
N SER C 39 28.64 35.20 3.36
CA SER C 39 27.62 36.05 3.96
C SER C 39 28.20 37.36 4.46
N PHE C 40 29.49 37.40 4.74
CA PHE C 40 30.18 38.60 5.19
C PHE C 40 31.67 38.37 5.00
N GLY C 41 32.46 39.40 5.29
CA GLY C 41 33.91 39.26 5.24
C GLY C 41 34.44 38.84 3.89
N ASP C 42 35.76 38.95 3.69
CA ASP C 42 36.40 38.59 2.44
C ASP C 42 37.18 37.30 2.61
N ILE C 43 37.22 36.48 1.56
CA ILE C 43 37.93 35.21 1.55
C ILE C 43 39.17 35.39 0.69
N TYR C 44 40.32 35.00 1.22
CA TYR C 44 41.59 35.09 0.50
C TYR C 44 42.26 33.72 0.45
N LEU C 45 43.13 33.55 -0.53
CA LEU C 45 44.04 32.43 -0.54
C LEU C 45 45.21 32.70 0.40
N GLY C 46 45.83 31.62 0.85
CA GLY C 46 47.00 31.75 1.71
C GLY C 46 47.81 30.47 1.68
N THR C 47 48.98 30.57 2.30
CA THR C 47 49.90 29.44 2.40
C THR C 47 50.29 29.27 3.86
N ASP C 48 50.14 28.05 4.37
CA ASP C 48 50.79 27.69 5.63
C ASP C 48 52.25 27.40 5.30
N ILE C 49 53.13 28.31 5.70
CA ILE C 49 54.52 28.24 5.28
C ILE C 49 55.26 27.11 6.01
N ALA C 50 54.95 26.91 7.29
CA ALA C 50 55.63 25.87 8.04
C ALA C 50 55.27 24.49 7.54
N ALA C 51 54.02 24.30 7.11
CA ALA C 51 53.53 23.00 6.65
C ALA C 51 53.56 22.84 5.14
N GLY C 52 53.83 23.91 4.39
CA GLY C 52 53.79 23.84 2.94
C GLY C 52 52.45 23.39 2.42
N GLU C 53 51.38 24.06 2.90
CA GLU C 53 50.02 23.70 2.54
C GLU C 53 49.24 24.98 2.29
N GLU C 54 48.34 24.93 1.30
CA GLU C 54 47.50 26.08 0.99
C GLU C 54 46.31 26.14 1.94
N VAL C 55 45.90 27.37 2.28
CA VAL C 55 44.81 27.60 3.22
C VAL C 55 43.90 28.68 2.67
N ALA C 56 42.71 28.79 3.28
CA ALA C 56 41.79 29.89 3.05
C ALA C 56 41.80 30.80 4.27
N ILE C 57 41.80 32.11 4.04
CA ILE C 57 41.90 33.10 5.10
C ILE C 57 40.74 34.08 4.95
N LYS C 58 39.91 34.18 5.98
CA LYS C 58 38.79 35.11 5.99
C LYS C 58 39.16 36.31 6.87
N LEU C 59 39.01 37.51 6.33
CA LEU C 59 39.37 38.74 7.01
C LEU C 59 38.14 39.62 7.21
N GLU C 60 38.08 40.29 8.35
CA GLU C 60 37.03 41.26 8.63
C GLU C 60 37.65 42.46 9.32
N CYS C 61 37.39 43.65 8.79
CA CYS C 61 37.86 44.86 9.44
C CYS C 61 37.25 44.98 10.83
N PRO C 67 29.78 43.50 12.95
CA PRO C 67 30.80 42.44 13.04
C PRO C 67 30.18 41.05 13.09
N GLN C 68 30.74 40.11 12.33
CA GLN C 68 30.19 38.76 12.26
C GLN C 68 31.24 37.66 12.47
N LEU C 69 32.49 37.89 12.03
CA LEU C 69 33.46 36.81 11.94
C LEU C 69 33.62 36.04 13.24
N HIS C 70 33.61 36.74 14.39
CA HIS C 70 33.81 36.03 15.64
C HIS C 70 32.65 35.07 15.92
N ILE C 71 31.43 35.45 15.55
CA ILE C 71 30.30 34.54 15.72
C ILE C 71 30.46 33.31 14.84
N GLU C 72 30.74 33.53 13.55
CA GLU C 72 30.84 32.40 12.62
C GLU C 72 31.94 31.44 13.04
N SER C 73 33.08 31.97 13.52
CA SER C 73 34.17 31.09 13.94
C SER C 73 33.77 30.24 15.13
N LYS C 74 33.03 30.82 16.08
CA LYS C 74 32.46 30.03 17.17
C LYS C 74 31.66 28.86 16.63
N ILE C 75 30.86 29.11 15.59
CA ILE C 75 30.03 28.05 15.03
C ILE C 75 30.90 26.97 14.38
N TYR C 76 31.89 27.39 13.57
CA TYR C 76 32.78 26.41 12.94
C TYR C 76 33.46 25.54 13.99
N LYS C 77 33.91 26.13 15.10
CA LYS C 77 34.57 25.33 16.13
C LYS C 77 33.59 24.34 16.77
N MET C 78 32.35 24.77 17.00
CA MET C 78 31.32 23.83 17.43
C MET C 78 31.21 22.66 16.46
N MET C 79 31.35 22.92 15.16
CA MET C 79 31.17 21.92 14.12
C MET C 79 32.41 21.07 13.87
N GLN C 80 33.56 21.42 14.45
CA GLN C 80 34.80 20.75 14.08
C GLN C 80 34.70 19.24 14.27
N GLY C 81 35.37 18.51 13.41
CA GLY C 81 35.36 17.06 13.44
C GLY C 81 34.25 16.42 12.64
N GLY C 82 33.20 17.17 12.31
CA GLY C 82 32.17 16.64 11.45
C GLY C 82 32.66 16.45 10.03
N VAL C 83 32.19 15.37 9.40
CA VAL C 83 32.52 15.12 8.00
C VAL C 83 32.07 16.30 7.16
N GLY C 84 32.93 16.76 6.27
CA GLY C 84 32.56 17.82 5.35
C GLY C 84 32.41 19.18 6.00
N ILE C 85 33.00 19.37 7.17
CA ILE C 85 33.10 20.67 7.82
C ILE C 85 34.57 21.13 7.66
N PRO C 86 34.81 22.30 7.08
CA PRO C 86 36.21 22.70 6.90
C PRO C 86 36.92 22.84 8.23
N THR C 87 38.18 22.41 8.26
CA THR C 87 38.99 22.50 9.46
C THR C 87 39.45 23.95 9.64
N ILE C 88 39.42 24.41 10.89
CA ILE C 88 39.80 25.79 11.21
C ILE C 88 41.17 25.71 11.87
N ARG C 89 42.17 26.24 11.18
CA ARG C 89 43.56 26.11 11.61
C ARG C 89 44.00 27.20 12.58
N TRP C 90 43.49 28.41 12.44
CA TRP C 90 43.91 29.49 13.33
C TRP C 90 42.87 30.59 13.38
N CYS C 91 42.77 31.22 14.55
CA CYS C 91 41.93 32.39 14.76
C CYS C 91 42.68 33.39 15.62
N GLY C 92 42.47 34.67 15.33
CA GLY C 92 43.08 35.72 16.12
C GLY C 92 42.82 37.07 15.48
N ALA C 93 43.68 38.02 15.81
CA ALA C 93 43.56 39.38 15.31
C ALA C 93 44.94 39.89 14.94
N GLU C 94 45.06 40.44 13.74
CA GLU C 94 46.30 41.06 13.28
C GLU C 94 45.97 42.44 12.74
N GLY C 95 46.65 43.45 13.27
CA GLY C 95 46.45 44.82 12.79
C GLY C 95 44.99 45.22 12.84
N ASP C 96 44.45 45.61 11.69
CA ASP C 96 43.09 46.12 11.57
C ASP C 96 42.06 45.04 11.26
N TYR C 97 42.45 43.76 11.27
CA TYR C 97 41.58 42.69 10.82
C TYR C 97 41.44 41.60 11.87
N ASN C 98 40.22 41.06 11.99
CA ASN C 98 40.02 39.76 12.59
C ASN C 98 40.25 38.68 11.54
N VAL C 99 40.82 37.55 11.97
CA VAL C 99 41.36 36.56 11.05
C VAL C 99 40.84 35.18 11.39
N MET C 100 40.42 34.44 10.35
CA MET C 100 40.07 33.02 10.47
C MET C 100 40.77 32.27 9.34
N VAL C 101 41.62 31.31 9.69
CA VAL C 101 42.37 30.53 8.70
C VAL C 101 41.73 29.15 8.64
N MET C 102 41.32 28.76 7.42
CA MET C 102 40.61 27.51 7.17
C MET C 102 41.39 26.68 6.16
N GLU C 103 41.16 25.37 6.17
CA GLU C 103 41.64 24.54 5.07
C GLU C 103 41.03 25.04 3.77
N LEU C 104 41.83 25.03 2.71
CA LEU C 104 41.32 25.44 1.41
C LEU C 104 40.45 24.34 0.83
N LEU C 105 39.30 24.73 0.30
CA LEU C 105 38.38 23.80 -0.35
C LEU C 105 38.35 24.06 -1.84
N GLY C 106 37.67 23.17 -2.56
CA GLY C 106 37.61 23.24 -3.99
C GLY C 106 36.44 24.08 -4.48
N PRO C 107 36.04 23.88 -5.74
CA PRO C 107 34.96 24.71 -6.30
C PRO C 107 33.63 24.40 -5.67
N SER C 108 32.74 25.38 -5.70
CA SER C 108 31.38 25.20 -5.22
C SER C 108 30.57 24.39 -6.23
N LEU C 109 29.43 23.86 -5.77
CA LEU C 109 28.58 23.08 -6.66
C LEU C 109 27.99 23.95 -7.77
N GLU C 110 27.77 25.24 -7.51
CA GLU C 110 27.33 26.13 -8.58
C GLU C 110 28.42 26.28 -9.64
N ASP C 111 29.66 26.53 -9.21
CA ASP C 111 30.78 26.60 -10.14
C ASP C 111 30.86 25.33 -10.97
N LEU C 112 30.79 24.17 -10.31
CA LEU C 112 30.89 22.91 -11.03
C LEU C 112 29.69 22.69 -11.94
N PHE C 113 28.50 23.13 -11.52
CA PHE C 113 27.32 23.04 -12.37
C PHE C 113 27.52 23.87 -13.64
N ASN C 114 28.02 25.10 -13.50
CA ASN C 114 28.30 25.93 -14.66
C ASN C 114 29.42 25.32 -15.51
N PHE C 115 30.43 24.73 -14.87
CA PHE C 115 31.52 24.12 -15.62
C PHE C 115 31.04 22.93 -16.43
N CYS C 116 30.00 22.24 -15.97
CA CYS C 116 29.40 21.13 -16.68
C CYS C 116 28.26 21.55 -17.60
N SER C 117 28.19 22.83 -17.94
CA SER C 117 27.17 23.36 -18.85
C SER C 117 25.76 23.25 -18.25
N ARG C 118 25.67 23.34 -16.92
CA ARG C 118 24.38 23.37 -16.25
C ARG C 118 23.57 22.12 -16.55
N LYS C 119 24.26 20.97 -16.57
CA LYS C 119 23.64 19.66 -16.72
C LYS C 119 24.41 18.68 -15.83
N PHE C 120 23.70 18.07 -14.87
CA PHE C 120 24.24 16.98 -14.09
C PHE C 120 23.50 15.70 -14.42
N SER C 121 24.24 14.59 -14.51
CA SER C 121 23.63 13.29 -14.65
C SER C 121 22.88 12.92 -13.37
N LEU C 122 21.92 12.00 -13.51
CA LEU C 122 21.18 11.55 -12.34
C LEU C 122 22.11 10.98 -11.27
N LYS C 123 23.12 10.22 -11.68
CA LYS C 123 24.07 9.67 -10.71
C LYS C 123 24.70 10.77 -9.89
N THR C 124 25.18 11.84 -10.54
CA THR C 124 25.83 12.93 -9.83
C THR C 124 24.85 13.61 -8.86
N VAL C 125 23.62 13.83 -9.30
CA VAL C 125 22.62 14.43 -8.42
C VAL C 125 22.44 13.56 -7.18
N LEU C 126 22.39 12.24 -7.37
CA LEU C 126 22.16 11.34 -6.26
C LEU C 126 23.40 11.19 -5.38
N LEU C 127 24.59 11.18 -5.98
CA LEU C 127 25.81 11.24 -5.18
C LEU C 127 25.80 12.47 -4.28
N LEU C 128 25.48 13.63 -4.85
CA LEU C 128 25.44 14.86 -4.09
C LEU C 128 24.33 14.82 -3.03
N ALA C 129 23.14 14.35 -3.40
CA ALA C 129 22.02 14.34 -2.47
C ALA C 129 22.37 13.56 -1.20
N ASP C 130 23.02 12.41 -1.34
CA ASP C 130 23.34 11.60 -0.17
C ASP C 130 24.20 12.37 0.82
N GLN C 131 25.26 13.02 0.33
CA GLN C 131 26.17 13.74 1.21
C GLN C 131 25.53 15.00 1.76
N MET C 132 24.76 15.71 0.94
CA MET C 132 24.20 16.98 1.37
C MET C 132 23.16 16.79 2.48
N ILE C 133 22.36 15.73 2.40
CA ILE C 133 21.46 15.41 3.50
C ILE C 133 22.25 15.18 4.78
N SER C 134 23.38 14.48 4.67
CA SER C 134 24.19 14.18 5.85
C SER C 134 24.82 15.43 6.43
N ARG C 135 25.31 16.34 5.57
CA ARG C 135 25.86 17.60 6.05
C ARG C 135 24.80 18.36 6.85
N ILE C 136 23.60 18.47 6.30
CA ILE C 136 22.52 19.19 6.96
C ILE C 136 22.17 18.52 8.28
N GLU C 137 22.11 17.18 8.29
CA GLU C 137 21.84 16.47 9.54
C GLU C 137 22.90 16.76 10.58
N TYR C 138 24.17 16.78 10.18
CA TYR C 138 25.23 17.04 11.16
C TYR C 138 25.06 18.41 11.79
N ILE C 139 24.83 19.43 10.95
CA ILE C 139 24.61 20.78 11.47
C ILE C 139 23.44 20.78 12.45
N HIS C 140 22.35 20.11 12.10
CA HIS C 140 21.20 20.04 12.98
C HIS C 140 21.55 19.32 14.28
N SER C 141 22.38 18.28 14.20
CA SER C 141 22.81 17.58 15.41
C SER C 141 23.59 18.50 16.35
N LYS C 142 24.19 19.57 15.82
CA LYS C 142 24.88 20.56 16.63
C LYS C 142 23.99 21.72 17.02
N ASN C 143 22.67 21.58 16.87
CA ASN C 143 21.67 22.52 17.37
C ASN C 143 21.56 23.78 16.52
N PHE C 144 22.01 23.76 15.26
CA PHE C 144 21.91 24.90 14.38
C PHE C 144 21.14 24.51 13.12
N ILE C 145 20.46 25.48 12.52
CA ILE C 145 19.94 25.37 11.16
C ILE C 145 20.73 26.33 10.29
N HIS C 146 20.99 25.94 9.04
CA HIS C 146 21.86 26.71 8.17
C HIS C 146 21.13 27.94 7.60
N ARG C 147 19.93 27.74 7.05
CA ARG C 147 19.02 28.79 6.59
C ARG C 147 19.45 29.45 5.29
N ASP C 148 20.57 29.05 4.69
CA ASP C 148 20.90 29.46 3.32
C ASP C 148 21.49 28.26 2.60
N VAL C 149 20.62 27.31 2.24
CA VAL C 149 21.03 26.10 1.55
C VAL C 149 20.92 26.36 0.05
N LYS C 150 22.05 26.27 -0.63
CA LYS C 150 22.14 26.63 -2.04
C LYS C 150 23.44 26.10 -2.60
N PRO C 151 23.54 25.92 -3.92
CA PRO C 151 24.74 25.31 -4.50
C PRO C 151 26.02 26.06 -4.15
N ASP C 152 25.97 27.38 -4.00
CA ASP C 152 27.17 28.16 -3.69
C ASP C 152 27.78 27.77 -2.35
N ASN C 153 26.98 27.25 -1.43
CA ASN C 153 27.44 26.97 -0.07
C ASN C 153 27.82 25.51 0.13
N PHE C 154 27.92 24.73 -0.95
CA PHE C 154 28.49 23.40 -0.91
C PHE C 154 29.71 23.37 -1.82
N LEU C 155 30.86 22.96 -1.25
CA LEU C 155 32.13 22.94 -1.96
C LEU C 155 32.71 21.53 -1.90
N MET C 156 33.33 21.10 -3.00
CA MET C 156 34.09 19.87 -2.99
C MET C 156 35.45 20.11 -2.34
N GLY C 157 35.98 19.06 -1.71
CA GLY C 157 37.33 19.13 -1.19
C GLY C 157 38.36 19.08 -2.31
N LEU C 158 39.61 19.27 -1.94
CA LEU C 158 40.72 19.21 -2.88
C LEU C 158 41.51 17.93 -2.68
N GLY C 159 42.14 17.49 -3.77
CA GLY C 159 43.05 16.35 -3.67
C GLY C 159 42.31 15.11 -3.20
N LYS C 160 42.86 14.44 -2.20
CA LYS C 160 42.30 13.20 -1.71
C LYS C 160 40.99 13.39 -0.96
N LYS C 161 40.58 14.64 -0.69
CA LYS C 161 39.24 14.95 -0.20
C LYS C 161 38.29 15.35 -1.32
N GLY C 162 38.69 15.15 -2.58
CA GLY C 162 37.91 15.60 -3.72
C GLY C 162 36.58 14.88 -3.91
N ASN C 163 36.40 13.74 -3.25
CA ASN C 163 35.14 13.00 -3.33
C ASN C 163 34.16 13.39 -2.23
N LEU C 164 34.52 14.39 -1.42
CA LEU C 164 33.75 14.80 -0.24
C LEU C 164 33.07 16.13 -0.47
N VAL C 165 31.78 16.21 -0.14
CA VAL C 165 31.02 17.45 -0.21
C VAL C 165 31.12 18.17 1.14
N TYR C 166 31.60 19.41 1.12
CA TYR C 166 31.64 20.26 2.30
C TYR C 166 30.51 21.28 2.27
N ILE C 167 30.07 21.70 3.46
CA ILE C 167 29.14 22.82 3.61
C ILE C 167 29.86 23.97 4.31
N ILE C 168 29.55 25.20 3.89
CA ILE C 168 30.22 26.40 4.38
C ILE C 168 29.20 27.49 4.65
N ASP C 169 29.70 28.58 5.25
CA ASP C 169 28.97 29.84 5.43
C ASP C 169 27.86 29.70 6.46
N PHE C 170 28.21 29.91 7.73
CA PHE C 170 27.27 29.93 8.84
C PHE C 170 26.88 31.34 9.24
N GLY C 171 27.09 32.33 8.36
CA GLY C 171 26.75 33.71 8.69
C GLY C 171 25.27 33.93 8.94
N LEU C 172 24.42 33.17 8.26
CA LEU C 172 22.98 33.23 8.50
C LEU C 172 22.50 32.11 9.42
N ALA C 173 23.40 31.28 9.91
CA ALA C 173 22.98 30.16 10.75
C ALA C 173 22.34 30.68 12.03
N LYS C 174 21.54 29.82 12.64
CA LYS C 174 20.82 30.18 13.86
C LYS C 174 20.61 28.92 14.67
N LYS C 175 20.67 29.08 16.00
CA LYS C 175 20.40 27.97 16.90
C LYS C 175 18.89 27.76 16.99
N TYR C 176 18.43 26.56 16.69
CA TYR C 176 17.00 26.24 16.68
C TYR C 176 16.53 25.53 17.95
N ARG C 177 17.45 25.06 18.78
CA ARG C 177 17.07 24.43 20.04
C ARG C 177 18.13 24.73 21.08
N ASP C 178 17.68 24.96 22.31
CA ASP C 178 18.59 25.16 23.43
C ASP C 178 19.62 24.03 23.45
N ALA C 179 20.90 24.41 23.47
CA ALA C 179 21.96 23.41 23.53
C ALA C 179 21.80 22.48 24.73
N ARG C 180 21.27 23.00 25.84
CA ARG C 180 21.10 22.20 27.05
C ARG C 180 19.81 21.38 26.99
N THR C 181 18.67 22.05 27.02
CA THR C 181 17.39 21.38 27.17
C THR C 181 16.81 20.86 25.86
N HIS C 182 17.47 21.13 24.73
CA HIS C 182 16.90 20.80 23.41
C HIS C 182 15.50 21.38 23.26
N GLN C 183 15.24 22.48 23.95
CA GLN C 183 14.00 23.23 23.78
C GLN C 183 14.00 23.92 22.43
N HIS C 184 13.07 23.54 21.55
CA HIS C 184 12.96 24.18 20.25
C HIS C 184 12.61 25.65 20.42
N ILE C 185 13.05 26.47 19.47
CA ILE C 185 12.68 27.88 19.46
C ILE C 185 11.18 27.97 19.17
N PRO C 186 10.49 29.02 19.62
CA PRO C 186 9.03 29.06 19.45
C PRO C 186 8.62 29.37 18.02
N TYR C 187 7.40 28.96 17.69
CA TYR C 187 6.78 29.34 16.43
C TYR C 187 6.64 30.85 16.35
N ARG C 188 7.07 31.43 15.24
CA ARG C 188 6.96 32.86 15.02
C ARG C 188 6.58 33.13 13.57
N GLU C 189 5.85 34.22 13.36
CA GLU C 189 5.44 34.64 12.03
C GLU C 189 6.00 36.03 11.76
N ASN C 190 5.66 36.57 10.58
CA ASN C 190 6.04 37.93 10.19
C ASN C 190 7.56 38.09 10.10
N LYS C 191 8.27 37.01 9.79
CA LYS C 191 9.72 37.07 9.65
C LYS C 191 10.10 37.49 8.23
N ASN C 192 11.12 38.33 8.12
CA ASN C 192 11.65 38.68 6.81
C ASN C 192 12.39 37.50 6.20
N LEU C 193 12.44 37.47 4.88
CA LEU C 193 13.07 36.36 4.18
C LEU C 193 14.56 36.30 4.51
N THR C 194 14.99 35.15 5.04
CA THR C 194 16.40 34.87 5.27
C THR C 194 16.85 33.79 4.31
N GLY C 195 18.03 33.98 3.75
CA GLY C 195 18.58 33.07 2.76
C GLY C 195 18.23 33.53 1.36
N THR C 196 18.49 32.65 0.40
CA THR C 196 18.19 32.96 -0.99
C THR C 196 16.72 32.66 -1.29
N ALA C 197 16.08 33.59 -2.02
CA ALA C 197 14.65 33.44 -2.32
C ALA C 197 14.40 32.27 -3.27
N ARG C 198 15.32 32.05 -4.22
CA ARG C 198 15.11 31.01 -5.22
C ARG C 198 14.90 29.65 -4.56
N TYR C 199 15.67 29.34 -3.52
CA TYR C 199 15.62 28.06 -2.84
C TYR C 199 14.85 28.12 -1.53
N ALA C 200 14.28 29.27 -1.19
CA ALA C 200 13.59 29.40 0.08
C ALA C 200 12.36 28.50 0.11
N SER C 201 12.06 27.99 1.30
CA SER C 201 10.89 27.16 1.51
C SER C 201 9.62 27.99 1.40
N ILE C 202 8.50 27.31 1.15
CA ILE C 202 7.22 27.99 1.15
C ILE C 202 6.94 28.59 2.52
N ASN C 203 7.31 27.88 3.59
CA ASN C 203 7.13 28.42 4.93
C ASN C 203 7.84 29.77 5.07
N THR C 204 9.06 29.88 4.54
CA THR C 204 9.79 31.12 4.63
C THR C 204 9.08 32.23 3.87
N HIS C 205 8.56 31.93 2.68
CA HIS C 205 7.78 32.92 1.94
C HIS C 205 6.57 33.39 2.72
N LEU C 206 5.98 32.52 3.53
CA LEU C 206 4.85 32.90 4.36
C LEU C 206 5.27 33.66 5.61
N GLY C 207 6.58 33.84 5.82
CA GLY C 207 7.07 34.56 6.97
C GLY C 207 7.24 33.73 8.22
N ILE C 208 7.23 32.41 8.11
CA ILE C 208 7.32 31.53 9.28
C ILE C 208 8.78 31.36 9.68
N GLU C 209 9.01 31.37 10.99
CA GLU C 209 10.32 31.06 11.54
C GLU C 209 10.84 29.76 10.96
N GLN C 210 12.09 29.77 10.50
CA GLN C 210 12.70 28.61 9.89
C GLN C 210 13.11 27.58 10.95
N SER C 211 13.05 26.31 10.55
CA SER C 211 13.45 25.20 11.40
C SER C 211 14.13 24.16 10.52
N ARG C 212 14.34 22.96 11.08
CA ARG C 212 15.09 21.94 10.36
C ARG C 212 14.44 21.60 9.02
N ARG C 213 13.11 21.52 8.98
CA ARG C 213 12.42 21.17 7.74
C ARG C 213 12.81 22.08 6.59
N ASP C 214 13.05 23.36 6.88
CA ASP C 214 13.25 24.33 5.81
C ASP C 214 14.61 24.15 5.14
N ASP C 215 15.64 23.82 5.92
CA ASP C 215 16.93 23.47 5.32
C ASP C 215 16.76 22.32 4.33
N LEU C 216 15.94 21.33 4.69
CA LEU C 216 15.78 20.15 3.84
C LEU C 216 14.90 20.46 2.62
N GLU C 217 13.87 21.29 2.79
CA GLU C 217 13.05 21.67 1.64
C GLU C 217 13.90 22.43 0.62
N SER C 218 14.74 23.36 1.09
CA SER C 218 15.65 24.07 0.19
C SER C 218 16.54 23.10 -0.58
N LEU C 219 17.07 22.09 0.11
CA LEU C 219 17.88 21.09 -0.58
C LEU C 219 17.07 20.44 -1.71
N GLY C 220 15.79 20.17 -1.48
CA GLY C 220 14.97 19.59 -2.53
C GLY C 220 14.90 20.46 -3.77
N TYR C 221 14.74 21.78 -3.58
CA TYR C 221 14.77 22.68 -4.72
C TYR C 221 16.13 22.71 -5.39
N VAL C 222 17.20 22.60 -4.60
CA VAL C 222 18.55 22.56 -5.18
C VAL C 222 18.71 21.31 -6.04
N LEU C 223 18.22 20.17 -5.55
CA LEU C 223 18.36 18.95 -6.34
C LEU C 223 17.59 19.04 -7.65
N MET C 224 16.37 19.58 -7.61
CA MET C 224 15.60 19.73 -8.85
C MET C 224 16.23 20.80 -9.74
N TYR C 225 16.88 21.80 -9.13
CA TYR C 225 17.66 22.77 -9.89
C TYR C 225 18.76 22.08 -10.69
N PHE C 226 19.47 21.14 -10.05
CA PHE C 226 20.49 20.38 -10.77
C PHE C 226 19.88 19.54 -11.88
N ASN C 227 18.69 18.99 -11.63
CA ASN C 227 18.03 18.16 -12.64
C ASN C 227 17.58 18.99 -13.83
N LEU C 228 16.98 20.15 -13.57
CA LEU C 228 16.35 20.94 -14.61
C LEU C 228 17.28 21.94 -15.28
N GLY C 229 18.34 22.36 -14.60
CA GLY C 229 19.14 23.47 -15.05
C GLY C 229 18.63 24.82 -14.59
N SER C 230 17.37 24.91 -14.22
CA SER C 230 16.77 26.11 -13.66
C SER C 230 15.48 25.71 -12.97
N LEU C 231 15.02 26.59 -12.07
CA LEU C 231 13.71 26.40 -11.47
C LEU C 231 12.67 27.32 -12.13
N PRO C 232 11.41 26.91 -12.17
CA PRO C 232 10.41 27.71 -12.91
C PRO C 232 10.13 29.07 -12.31
N TRP C 233 10.56 29.33 -11.07
CA TRP C 233 10.41 30.65 -10.46
C TRP C 233 11.66 31.51 -10.61
N GLN C 234 12.63 31.09 -11.42
CA GLN C 234 13.76 31.94 -11.75
C GLN C 234 13.38 32.97 -12.81
N GLY C 235 14.12 34.08 -12.82
CA GLY C 235 14.01 35.07 -13.88
C GLY C 235 12.65 35.74 -13.95
N LEU C 236 12.04 36.02 -12.81
CA LEU C 236 10.78 36.75 -12.76
C LEU C 236 11.06 38.24 -12.55
N LYS C 237 10.24 39.08 -13.17
CA LYS C 237 10.46 40.51 -13.19
C LYS C 237 9.66 41.22 -12.11
N ALA C 238 10.28 42.23 -11.49
CA ALA C 238 9.67 43.01 -10.43
C ALA C 238 10.60 44.17 -10.09
N ALA C 239 10.03 45.21 -9.48
CA ALA C 239 10.75 46.46 -9.24
C ALA C 239 11.08 46.65 -7.75
N THR C 240 10.08 46.88 -6.91
CA THR C 240 10.31 47.28 -5.52
C THR C 240 11.14 46.27 -4.72
N LYS C 241 11.49 45.13 -5.33
CA LYS C 241 12.28 44.10 -4.69
C LYS C 241 11.40 43.27 -3.75
N ARG C 242 10.45 43.93 -3.07
CA ARG C 242 9.41 43.19 -2.37
C ARG C 242 8.57 42.38 -3.34
N GLN C 243 8.26 42.97 -4.50
CA GLN C 243 7.46 42.28 -5.51
C GLN C 243 8.16 41.03 -6.02
N LYS C 244 9.48 41.08 -6.16
CA LYS C 244 10.21 39.91 -6.65
C LYS C 244 10.01 38.71 -5.73
N TYR C 245 10.20 38.92 -4.42
CA TYR C 245 9.99 37.83 -3.48
C TYR C 245 8.53 37.38 -3.43
N GLU C 246 7.60 38.28 -3.74
CA GLU C 246 6.19 37.90 -3.77
C GLU C 246 5.86 37.10 -5.03
N ARG C 247 6.40 37.50 -6.18
CA ARG C 247 6.19 36.75 -7.40
C ARG C 247 6.78 35.34 -7.29
N ILE C 248 7.95 35.22 -6.66
CA ILE C 248 8.54 33.90 -6.43
C ILE C 248 7.65 33.09 -5.51
N SER C 249 7.17 33.70 -4.42
CA SER C 249 6.26 33.01 -3.52
C SER C 249 5.03 32.51 -4.28
N GLU C 250 4.42 33.39 -5.09
CA GLU C 250 3.23 33.02 -5.84
C GLU C 250 3.51 31.87 -6.81
N LYS C 251 4.57 32.00 -7.61
CA LYS C 251 4.89 30.96 -8.59
C LYS C 251 5.23 29.64 -7.90
N LYS C 252 5.97 29.72 -6.80
CA LYS C 252 6.35 28.52 -6.05
C LYS C 252 5.13 27.82 -5.46
N MET C 253 4.16 28.60 -4.99
CA MET C 253 2.97 28.02 -4.36
C MET C 253 1.92 27.56 -5.37
N SER C 254 1.99 28.04 -6.61
CA SER C 254 1.08 27.59 -7.66
C SER C 254 1.70 26.52 -8.56
N THR C 255 2.92 26.10 -8.28
CA THR C 255 3.57 25.04 -9.05
C THR C 255 3.48 23.75 -8.25
N PRO C 256 2.55 22.84 -8.56
CA PRO C 256 2.48 21.60 -7.80
C PRO C 256 3.76 20.79 -7.96
N ILE C 257 4.12 20.06 -6.89
CA ILE C 257 5.35 19.29 -6.86
C ILE C 257 5.39 18.29 -8.01
N GLU C 258 4.26 17.68 -8.35
CA GLU C 258 4.25 16.70 -9.43
C GLU C 258 4.50 17.36 -10.78
N VAL C 259 4.18 18.65 -10.92
CA VAL C 259 4.52 19.39 -12.14
C VAL C 259 5.98 19.79 -12.12
N LEU C 260 6.45 20.30 -10.98
CA LEU C 260 7.85 20.67 -10.83
C LEU C 260 8.76 19.50 -11.20
N CYS C 261 8.43 18.30 -10.75
CA CYS C 261 9.30 17.14 -10.89
C CYS C 261 8.95 16.25 -12.08
N LYS C 262 8.00 16.65 -12.92
CA LYS C 262 7.60 15.80 -14.03
C LYS C 262 8.79 15.47 -14.91
N GLY C 263 8.89 14.21 -15.32
CA GLY C 263 9.98 13.75 -16.15
C GLY C 263 11.22 13.32 -15.41
N TYR C 264 11.19 13.30 -14.07
CA TYR C 264 12.32 12.84 -13.28
C TYR C 264 11.83 11.81 -12.28
N PRO C 265 12.72 10.96 -11.76
CA PRO C 265 12.28 9.89 -10.86
C PRO C 265 11.42 10.43 -9.73
N SER C 266 10.39 9.65 -9.39
CA SER C 266 9.41 10.08 -8.39
C SER C 266 10.05 10.42 -7.05
N GLU C 267 11.26 9.94 -6.80
CA GLU C 267 11.88 10.15 -5.49
C GLU C 267 12.06 11.63 -5.16
N PHE C 268 12.28 12.46 -6.18
CA PHE C 268 12.47 13.89 -5.92
C PHE C 268 11.17 14.55 -5.48
N ALA C 269 10.03 14.12 -6.02
CA ALA C 269 8.74 14.64 -5.57
C ALA C 269 8.38 14.11 -4.19
N THR C 270 8.59 12.81 -3.96
CA THR C 270 8.38 12.24 -2.64
C THR C 270 9.19 12.99 -1.58
N TYR C 271 10.44 13.30 -1.91
CA TYR C 271 11.30 14.05 -0.99
C TYR C 271 10.68 15.39 -0.62
N LEU C 272 10.28 16.17 -1.63
CA LEU C 272 9.74 17.50 -1.37
C LEU C 272 8.42 17.43 -0.60
N ASN C 273 7.56 16.45 -0.93
CA ASN C 273 6.32 16.29 -0.19
C ASN C 273 6.59 15.98 1.27
N PHE C 274 7.56 15.12 1.55
CA PHE C 274 7.90 14.79 2.94
C PHE C 274 8.34 16.05 3.68
N CYS C 275 9.17 16.87 3.06
CA CYS C 275 9.64 18.10 3.70
C CYS C 275 8.51 19.08 3.95
N ARG C 276 7.59 19.22 2.99
CA ARG C 276 6.45 20.13 3.17
C ARG C 276 5.46 19.62 4.21
N SER C 277 5.45 18.32 4.52
CA SER C 277 4.55 17.79 5.53
C SER C 277 5.14 17.85 6.93
N LEU C 278 6.43 18.15 7.07
CA LEU C 278 7.05 18.19 8.39
C LEU C 278 6.47 19.32 9.23
N ARG C 279 6.26 19.02 10.51
CA ARG C 279 5.85 20.05 11.44
C ARG C 279 7.04 20.91 11.85
N PHE C 280 6.72 22.08 12.40
CA PHE C 280 7.76 23.07 12.73
C PHE C 280 8.89 22.45 13.55
N ASP C 281 8.55 21.75 14.63
CA ASP C 281 9.56 21.18 15.52
C ASP C 281 9.86 19.71 15.25
N ASP C 282 9.35 19.15 14.16
CA ASP C 282 9.66 17.76 13.85
C ASP C 282 11.15 17.55 13.66
N LYS C 283 11.66 16.44 14.18
CA LYS C 283 12.97 15.96 13.79
C LYS C 283 12.82 15.20 12.49
N PRO C 284 13.40 15.68 11.37
CA PRO C 284 13.24 14.97 10.12
C PRO C 284 13.84 13.57 10.18
N ASP C 285 13.26 12.67 9.38
CA ASP C 285 13.80 11.32 9.26
C ASP C 285 14.84 11.37 8.14
N TYR C 286 16.07 11.75 8.50
CA TYR C 286 17.13 11.90 7.49
C TYR C 286 17.45 10.55 6.86
N SER C 287 17.46 9.49 7.67
CA SER C 287 17.78 8.17 7.15
C SER C 287 16.76 7.73 6.11
N TYR C 288 15.47 8.04 6.34
CA TYR C 288 14.46 7.74 5.34
C TYR C 288 14.77 8.48 4.03
N LEU C 289 15.13 9.76 4.13
CA LEU C 289 15.36 10.55 2.93
C LEU C 289 16.62 10.08 2.19
N ARG C 290 17.69 9.77 2.92
CA ARG C 290 18.86 9.20 2.27
C ARG C 290 18.52 7.87 1.62
N GLN C 291 17.67 7.07 2.27
CA GLN C 291 17.34 5.75 1.72
C GLN C 291 16.46 5.83 0.47
N LEU C 292 15.60 6.85 0.38
CA LEU C 292 14.86 7.08 -0.87
C LEU C 292 15.79 7.08 -2.07
N PHE C 293 16.78 7.97 -2.02
CA PHE C 293 17.67 8.17 -3.15
C PHE C 293 18.62 6.98 -3.32
N ARG C 294 18.97 6.30 -2.23
CA ARG C 294 19.87 5.16 -2.34
C ARG C 294 19.19 3.99 -3.05
N ASN C 295 17.90 3.77 -2.77
CA ASN C 295 17.16 2.72 -3.46
C ASN C 295 17.02 3.05 -4.94
N LEU C 296 16.73 4.31 -5.27
CA LEU C 296 16.75 4.75 -6.65
C LEU C 296 18.14 4.56 -7.25
N PHE C 297 19.17 4.98 -6.51
CA PHE C 297 20.55 4.83 -6.95
C PHE C 297 20.87 3.39 -7.32
N HIS C 298 20.40 2.44 -6.52
CA HIS C 298 20.66 1.02 -6.78
C HIS C 298 19.81 0.47 -7.90
N ARG C 299 18.55 0.91 -7.99
CA ARG C 299 17.70 0.49 -9.10
C ARG C 299 18.33 0.87 -10.42
N GLN C 300 19.02 2.02 -10.47
CA GLN C 300 19.75 2.48 -11.63
C GLN C 300 21.04 1.69 -11.88
N GLY C 301 21.46 0.86 -10.92
CA GLY C 301 22.73 0.18 -11.03
C GLY C 301 23.93 1.07 -10.80
N PHE C 302 23.73 2.25 -10.23
CA PHE C 302 24.86 3.14 -9.95
C PHE C 302 25.69 2.61 -8.78
N SER C 303 26.99 2.89 -8.85
CA SER C 303 27.92 2.59 -7.75
C SER C 303 28.34 3.87 -7.06
N TYR C 304 28.55 3.78 -5.75
CA TYR C 304 29.00 4.93 -4.95
C TYR C 304 30.51 5.11 -5.00
N ASP C 305 31.10 5.00 -6.20
CA ASP C 305 32.53 5.23 -6.41
C ASP C 305 32.91 6.71 -6.37
N TYR C 306 31.95 7.60 -6.19
CA TYR C 306 32.21 9.04 -6.08
C TYR C 306 32.83 9.63 -7.34
N VAL C 307 32.50 9.09 -8.51
CA VAL C 307 32.96 9.66 -9.77
C VAL C 307 31.86 10.59 -10.26
N PHE C 308 32.05 11.88 -10.06
CA PHE C 308 31.10 12.90 -10.48
C PHE C 308 31.33 13.25 -11.95
N ASP C 309 30.31 13.86 -12.56
CA ASP C 309 30.40 14.25 -13.96
C ASP C 309 31.70 14.99 -14.25
N TRP C 310 32.05 15.95 -13.39
CA TRP C 310 33.22 16.78 -13.66
C TRP C 310 34.52 15.99 -13.56
N ASN C 311 34.52 14.84 -12.88
CA ASN C 311 35.71 14.00 -12.81
C ASN C 311 35.96 13.26 -14.12
N MET C 312 35.00 13.26 -15.04
CA MET C 312 35.11 12.49 -16.27
C MET C 312 35.54 13.34 -17.46
N LEU C 313 35.91 14.60 -17.22
CA LEU C 313 36.34 15.48 -18.30
C LEU C 313 37.78 15.16 -18.71
N LYS C 314 38.01 15.17 -20.02
CA LYS C 314 39.30 14.79 -20.58
C LYS C 314 40.13 16.01 -20.94
N LEU D 23 -35.03 -45.28 34.65
CA LEU D 23 -34.36 -44.29 33.81
C LEU D 23 -33.54 -43.33 34.65
N ARG D 24 -33.17 -43.75 35.85
CA ARG D 24 -32.40 -42.93 36.77
C ARG D 24 -30.91 -43.08 36.51
N VAL D 25 -30.20 -41.96 36.56
CA VAL D 25 -28.75 -41.95 36.38
C VAL D 25 -28.17 -40.83 37.21
N GLY D 26 -26.98 -41.06 37.77
CA GLY D 26 -26.29 -40.06 38.55
C GLY D 26 -27.06 -39.63 39.78
N ASN D 27 -28.08 -40.42 40.14
CA ASN D 27 -28.86 -40.22 41.36
C ASN D 27 -29.90 -39.10 41.20
N ARG D 28 -29.54 -38.02 40.53
CA ARG D 28 -30.41 -36.85 40.38
C ARG D 28 -30.88 -36.62 38.95
N TYR D 29 -30.49 -37.46 38.00
CA TYR D 29 -30.77 -37.22 36.59
C TYR D 29 -31.72 -38.28 36.05
N ARG D 30 -32.64 -37.85 35.20
CA ARG D 30 -33.63 -38.71 34.57
C ARG D 30 -33.44 -38.66 33.06
N LEU D 31 -33.35 -39.83 32.44
CA LEU D 31 -33.07 -39.92 31.01
C LEU D 31 -34.33 -39.70 30.20
N GLY D 32 -34.18 -39.02 29.05
CA GLY D 32 -35.25 -38.78 28.13
C GLY D 32 -35.01 -39.46 26.79
N ARG D 33 -35.67 -38.91 25.76
CA ARG D 33 -35.49 -39.42 24.41
C ARG D 33 -34.19 -38.88 23.81
N LYS D 34 -33.84 -39.37 22.63
CA LYS D 34 -32.61 -38.97 21.98
C LYS D 34 -32.74 -37.57 21.38
N GLY D 41 -20.48 -41.74 20.41
CA GLY D 41 -21.39 -41.86 21.54
C GLY D 41 -22.80 -41.38 21.21
N ASP D 42 -23.75 -41.69 22.08
CA ASP D 42 -25.14 -41.32 21.87
C ASP D 42 -25.52 -40.17 22.81
N ILE D 43 -26.35 -39.26 22.31
CA ILE D 43 -26.79 -38.10 23.07
C ILE D 43 -28.27 -38.26 23.40
N TYR D 44 -28.61 -38.04 24.67
CA TYR D 44 -29.99 -38.11 25.13
C TYR D 44 -30.39 -36.81 25.82
N LEU D 45 -31.68 -36.51 25.76
CA LEU D 45 -32.24 -35.48 26.63
C LEU D 45 -32.37 -36.03 28.05
N GLY D 46 -32.35 -35.12 29.01
CA GLY D 46 -32.52 -35.52 30.39
C GLY D 46 -32.95 -34.35 31.24
N THR D 47 -33.29 -34.66 32.48
CA THR D 47 -33.72 -33.66 33.44
C THR D 47 -32.89 -33.80 34.71
N ASP D 48 -32.30 -32.69 35.14
CA ASP D 48 -31.77 -32.61 36.50
C ASP D 48 -32.95 -32.38 37.42
N ILE D 49 -33.31 -33.41 38.19
CA ILE D 49 -34.56 -33.37 38.94
C ILE D 49 -34.42 -32.46 40.16
N ALA D 50 -33.26 -32.48 40.81
CA ALA D 50 -33.08 -31.65 42.01
C ALA D 50 -33.06 -30.17 41.65
N ALA D 51 -32.51 -29.82 40.49
CA ALA D 51 -32.40 -28.43 40.08
C ALA D 51 -33.51 -27.98 39.15
N GLY D 52 -34.36 -28.89 38.67
CA GLY D 52 -35.40 -28.54 37.74
C GLY D 52 -34.86 -27.91 36.48
N GLU D 53 -33.89 -28.57 35.86
CA GLU D 53 -33.23 -28.05 34.68
C GLU D 53 -33.03 -29.19 33.69
N GLU D 54 -33.18 -28.87 32.40
CA GLU D 54 -32.96 -29.85 31.36
C GLU D 54 -31.46 -29.99 31.09
N VAL D 55 -31.02 -31.21 30.77
CA VAL D 55 -29.62 -31.49 30.53
C VAL D 55 -29.48 -32.37 29.29
N ALA D 56 -28.24 -32.47 28.81
CA ALA D 56 -27.85 -33.43 27.78
C ALA D 56 -27.03 -34.54 28.42
N ILE D 57 -27.29 -35.78 28.03
CA ILE D 57 -26.64 -36.94 28.63
C ILE D 57 -26.02 -37.76 27.50
N LYS D 58 -24.70 -37.97 27.56
CA LYS D 58 -24.00 -38.79 26.58
C LYS D 58 -23.67 -40.14 27.21
N LEU D 59 -24.04 -41.22 26.52
CA LEU D 59 -23.87 -42.58 27.02
C LEU D 59 -22.92 -43.35 26.11
N GLU D 60 -22.10 -44.22 26.71
CA GLU D 60 -21.22 -45.07 25.93
C GLU D 60 -21.21 -46.48 26.52
N CYS D 61 -21.52 -47.46 25.68
CA CYS D 61 -21.41 -48.86 26.10
C CYS D 61 -19.96 -49.20 26.39
N HIS D 66 -13.64 -49.81 21.98
CA HIS D 66 -13.22 -48.57 21.35
C HIS D 66 -13.72 -47.36 22.15
N PRO D 67 -13.30 -47.25 23.40
CA PRO D 67 -13.85 -46.22 24.29
C PRO D 67 -13.31 -44.83 24.00
N GLN D 68 -14.21 -43.84 24.04
CA GLN D 68 -13.86 -42.44 23.79
C GLN D 68 -14.36 -41.52 24.88
N LEU D 69 -15.53 -41.81 25.48
CA LEU D 69 -16.19 -40.85 26.35
C LEU D 69 -15.28 -40.37 27.48
N HIS D 70 -14.48 -41.27 28.05
CA HIS D 70 -13.60 -40.85 29.14
C HIS D 70 -12.59 -39.81 28.67
N ILE D 71 -11.99 -40.04 27.51
CA ILE D 71 -11.04 -39.09 26.95
C ILE D 71 -11.73 -37.76 26.69
N GLU D 72 -12.88 -37.79 26.03
CA GLU D 72 -13.58 -36.56 25.68
C GLU D 72 -13.95 -35.75 26.91
N SER D 73 -14.37 -36.42 27.99
CA SER D 73 -14.74 -35.70 29.21
C SER D 73 -13.52 -35.02 29.83
N LYS D 74 -12.36 -35.70 29.84
CA LYS D 74 -11.13 -35.03 30.23
C LYS D 74 -10.92 -33.76 29.43
N ILE D 75 -11.14 -33.82 28.11
CA ILE D 75 -10.97 -32.64 27.28
C ILE D 75 -11.99 -31.56 27.67
N TYR D 76 -13.26 -31.95 27.82
CA TYR D 76 -14.26 -30.98 28.25
C TYR D 76 -13.88 -30.35 29.59
N LYS D 77 -13.38 -31.14 30.53
CA LYS D 77 -12.99 -30.58 31.82
C LYS D 77 -11.80 -29.63 31.67
N MET D 78 -10.85 -29.95 30.79
CA MET D 78 -9.77 -29.01 30.52
C MET D 78 -10.29 -27.70 29.96
N MET D 79 -11.39 -27.74 29.21
CA MET D 79 -11.95 -26.56 28.56
C MET D 79 -12.89 -25.77 29.46
N GLN D 80 -13.26 -26.29 30.61
CA GLN D 80 -14.31 -25.67 31.42
C GLN D 80 -13.97 -24.21 31.73
N GLY D 81 -15.00 -23.38 31.79
CA GLY D 81 -14.85 -21.97 32.03
C GLY D 81 -14.66 -21.12 30.79
N GLY D 82 -14.28 -21.74 29.67
CA GLY D 82 -14.19 -21.00 28.43
C GLY D 82 -15.56 -20.59 27.91
N VAL D 83 -15.61 -19.40 27.31
CA VAL D 83 -16.84 -18.93 26.68
C VAL D 83 -17.27 -19.94 25.63
N GLY D 84 -18.54 -20.31 25.64
CA GLY D 84 -19.07 -21.19 24.61
C GLY D 84 -18.59 -22.61 24.70
N ILE D 85 -18.11 -23.04 25.86
CA ILE D 85 -17.82 -24.44 26.13
C ILE D 85 -18.93 -24.99 27.01
N PRO D 86 -19.60 -26.07 26.63
CA PRO D 86 -20.71 -26.56 27.46
C PRO D 86 -20.22 -26.97 28.84
N THR D 87 -21.04 -26.68 29.85
CA THR D 87 -20.73 -27.06 31.21
C THR D 87 -20.98 -28.55 31.41
N ILE D 88 -20.07 -29.20 32.14
CA ILE D 88 -20.15 -30.63 32.39
C ILE D 88 -20.60 -30.80 33.84
N ARG D 89 -21.82 -31.31 34.03
CA ARG D 89 -22.43 -31.38 35.35
C ARG D 89 -22.10 -32.66 36.11
N TRP D 90 -21.93 -33.79 35.42
CA TRP D 90 -21.67 -35.03 36.14
C TRP D 90 -20.96 -36.02 35.22
N CYS D 91 -20.09 -36.81 35.83
CA CYS D 91 -19.40 -37.90 35.14
C CYS D 91 -19.32 -39.10 36.06
N GLY D 92 -19.55 -40.27 35.49
CA GLY D 92 -19.50 -41.50 36.27
C GLY D 92 -19.94 -42.68 35.45
N ALA D 93 -20.42 -43.70 36.15
CA ALA D 93 -20.87 -44.93 35.51
C ALA D 93 -22.19 -45.34 36.14
N GLU D 94 -23.17 -45.65 35.30
CA GLU D 94 -24.46 -46.16 35.74
C GLU D 94 -24.74 -47.43 34.95
N GLY D 95 -24.97 -48.53 35.65
CA GLY D 95 -25.27 -49.78 34.98
C GLY D 95 -24.23 -50.16 33.95
N ASP D 96 -24.67 -50.35 32.71
CA ASP D 96 -23.83 -50.79 31.62
C ASP D 96 -23.22 -49.65 30.81
N TYR D 97 -23.38 -48.40 31.22
CA TYR D 97 -22.99 -47.25 30.41
C TYR D 97 -22.06 -46.33 31.21
N ASN D 98 -21.08 -45.77 30.51
CA ASN D 98 -20.40 -44.58 30.99
C ASN D 98 -21.22 -43.35 30.63
N VAL D 99 -21.24 -42.37 31.52
CA VAL D 99 -22.20 -41.27 31.47
C VAL D 99 -21.49 -39.94 31.58
N MET D 100 -21.86 -39.00 30.73
CA MET D 100 -21.43 -37.60 30.84
C MET D 100 -22.67 -36.72 30.73
N VAL D 101 -22.94 -35.94 31.76
CA VAL D 101 -24.10 -35.06 31.80
C VAL D 101 -23.63 -33.63 31.54
N MET D 102 -24.22 -33.01 30.53
CA MET D 102 -23.84 -31.67 30.08
C MET D 102 -25.05 -30.75 30.14
N GLU D 103 -24.80 -29.45 30.25
CA GLU D 103 -25.89 -28.51 30.04
C GLU D 103 -26.46 -28.71 28.64
N LEU D 104 -27.78 -28.60 28.54
CA LEU D 104 -28.44 -28.75 27.24
C LEU D 104 -28.22 -27.49 26.40
N LEU D 105 -27.89 -27.70 25.13
CA LEU D 105 -27.69 -26.60 24.19
C LEU D 105 -28.80 -26.62 23.15
N GLY D 106 -28.82 -25.58 22.32
CA GLY D 106 -29.84 -25.42 21.31
C GLY D 106 -29.47 -26.08 19.99
N PRO D 107 -30.11 -25.65 18.92
CA PRO D 107 -29.88 -26.28 17.61
C PRO D 107 -28.48 -25.97 17.08
N SER D 108 -28.00 -26.86 16.21
CA SER D 108 -26.74 -26.66 15.53
C SER D 108 -26.87 -25.63 14.42
N LEU D 109 -25.73 -25.10 13.97
CA LEU D 109 -25.76 -24.14 12.88
C LEU D 109 -26.25 -24.77 11.58
N GLU D 110 -26.00 -26.07 11.39
CA GLU D 110 -26.57 -26.75 10.23
C GLU D 110 -28.09 -26.79 10.33
N ASP D 111 -28.60 -27.18 11.50
CA ASP D 111 -30.04 -27.16 11.72
C ASP D 111 -30.62 -25.78 11.46
N LEU D 112 -29.97 -24.75 12.01
CA LEU D 112 -30.48 -23.39 11.84
C LEU D 112 -30.35 -22.92 10.40
N PHE D 113 -29.27 -23.33 9.72
CA PHE D 113 -29.13 -23.01 8.30
C PHE D 113 -30.27 -23.63 7.49
N ASN D 114 -30.61 -24.89 7.77
CA ASN D 114 -31.73 -25.54 7.09
C ASN D 114 -33.05 -24.89 7.46
N PHE D 115 -33.22 -24.51 8.72
CA PHE D 115 -34.47 -23.87 9.15
C PHE D 115 -34.66 -22.53 8.45
N CYS D 116 -33.56 -21.86 8.09
CA CYS D 116 -33.60 -20.59 7.37
C CYS D 116 -33.55 -20.77 5.86
N SER D 117 -33.87 -21.96 5.36
CA SER D 117 -33.90 -22.23 3.93
C SER D 117 -32.50 -22.13 3.31
N ARG D 118 -31.47 -22.44 4.09
CA ARG D 118 -30.10 -22.51 3.59
C ARG D 118 -29.66 -21.17 3.01
N LYS D 119 -30.10 -20.08 3.65
CA LYS D 119 -29.61 -18.74 3.34
C LYS D 119 -29.41 -17.98 4.64
N PHE D 120 -28.22 -17.43 4.83
CA PHE D 120 -27.91 -16.52 5.92
C PHE D 120 -27.58 -15.15 5.36
N SER D 121 -28.07 -14.11 6.04
CA SER D 121 -27.67 -12.75 5.71
C SER D 121 -26.20 -12.54 6.03
N LEU D 122 -25.61 -11.53 5.39
CA LEU D 122 -24.21 -11.23 5.66
C LEU D 122 -23.99 -10.92 7.14
N LYS D 123 -24.91 -10.17 7.76
CA LYS D 123 -24.78 -9.86 9.18
C LYS D 123 -24.68 -11.14 10.00
N THR D 124 -25.57 -12.10 9.74
CA THR D 124 -25.56 -13.35 10.50
C THR D 124 -24.25 -14.11 10.29
N VAL D 125 -23.77 -14.16 9.05
CA VAL D 125 -22.49 -14.84 8.79
C VAL D 125 -21.38 -14.20 9.60
N LEU D 126 -21.36 -12.86 9.68
CA LEU D 126 -20.30 -12.16 10.38
C LEU D 126 -20.44 -12.25 11.89
N LEU D 127 -21.68 -12.20 12.40
CA LEU D 127 -21.89 -12.47 13.82
C LEU D 127 -21.31 -13.81 14.20
N LEU D 128 -21.60 -14.83 13.38
CA LEU D 128 -21.09 -16.18 13.65
C LEU D 128 -19.58 -16.23 13.52
N ALA D 129 -19.02 -15.60 12.48
CA ALA D 129 -17.58 -15.67 12.26
C ALA D 129 -16.81 -15.16 13.47
N ASP D 130 -17.25 -14.03 14.05
CA ASP D 130 -16.52 -13.46 15.17
C ASP D 130 -16.43 -14.45 16.34
N GLN D 131 -17.56 -15.06 16.69
CA GLN D 131 -17.58 -15.99 17.82
C GLN D 131 -16.85 -17.28 17.49
N MET D 132 -17.00 -17.78 16.26
CA MET D 132 -16.42 -19.07 15.92
C MET D 132 -14.90 -19.01 15.92
N ILE D 133 -14.32 -17.91 15.44
CA ILE D 133 -12.88 -17.72 15.54
C ILE D 133 -12.43 -17.76 16.99
N SER D 134 -13.22 -17.14 17.87
CA SER D 134 -12.86 -17.09 19.29
C SER D 134 -12.94 -18.46 19.93
N ARG D 135 -13.97 -19.25 19.59
CA ARG D 135 -14.05 -20.61 20.11
C ARG D 135 -12.83 -21.42 19.72
N ILE D 136 -12.45 -21.34 18.44
CA ILE D 136 -11.29 -22.06 17.95
C ILE D 136 -10.03 -21.60 18.67
N GLU D 137 -9.89 -20.28 18.86
CA GLU D 137 -8.73 -19.75 19.57
C GLU D 137 -8.67 -20.30 20.99
N TYR D 138 -9.81 -20.34 21.68
CA TYR D 138 -9.81 -20.82 23.06
C TYR D 138 -9.34 -22.27 23.13
N ILE D 139 -9.87 -23.12 22.25
CA ILE D 139 -9.43 -24.51 22.22
C ILE D 139 -7.92 -24.59 21.99
N HIS D 140 -7.40 -23.79 21.06
CA HIS D 140 -5.96 -23.79 20.80
C HIS D 140 -5.18 -23.31 22.01
N SER D 141 -5.72 -22.32 22.74
CA SER D 141 -5.07 -21.88 23.96
C SER D 141 -4.97 -23.00 24.99
N LYS D 142 -5.84 -24.00 24.90
CA LYS D 142 -5.82 -25.16 25.77
C LYS D 142 -5.04 -26.32 25.16
N ASN D 143 -4.25 -26.06 24.13
CA ASN D 143 -3.29 -27.01 23.55
C ASN D 143 -3.93 -28.09 22.70
N PHE D 144 -5.15 -27.89 22.22
CA PHE D 144 -5.83 -28.86 21.37
C PHE D 144 -6.22 -28.22 20.04
N ILE D 145 -6.29 -29.05 19.00
CA ILE D 145 -6.95 -28.70 17.75
C ILE D 145 -8.20 -29.56 17.63
N HIS D 146 -9.27 -28.97 17.07
CA HIS D 146 -10.56 -29.64 17.02
C HIS D 146 -10.58 -30.70 15.92
N ARG D 147 -10.16 -30.32 14.71
CA ARG D 147 -9.98 -31.18 13.55
C ARG D 147 -11.28 -31.64 12.90
N ASP D 148 -12.44 -31.22 13.39
CA ASP D 148 -13.69 -31.41 12.65
C ASP D 148 -14.53 -30.15 12.83
N VAL D 149 -14.13 -29.09 12.13
CA VAL D 149 -14.84 -27.81 12.19
C VAL D 149 -15.89 -27.82 11.09
N LYS D 150 -17.16 -27.71 11.47
CA LYS D 150 -18.27 -27.84 10.55
C LYS D 150 -19.53 -27.33 11.24
N PRO D 151 -20.54 -26.95 10.47
CA PRO D 151 -21.74 -26.36 11.09
C PRO D 151 -22.38 -27.25 12.14
N ASP D 152 -22.29 -28.57 11.97
CA ASP D 152 -22.93 -29.49 12.92
C ASP D 152 -22.34 -29.37 14.31
N ASN D 153 -21.10 -28.93 14.43
CA ASN D 153 -20.39 -28.90 15.70
C ASN D 153 -20.39 -27.54 16.38
N PHE D 154 -21.20 -26.60 15.90
CA PHE D 154 -21.45 -25.34 16.60
C PHE D 154 -22.93 -25.24 16.92
N LEU D 155 -23.25 -25.03 18.19
CA LEU D 155 -24.62 -24.98 18.68
C LEU D 155 -24.87 -23.64 19.38
N MET D 156 -26.07 -23.10 19.18
CA MET D 156 -26.48 -21.94 19.96
C MET D 156 -26.92 -22.39 21.34
N GLY D 157 -26.74 -21.52 22.32
CA GLY D 157 -27.25 -21.78 23.65
C GLY D 157 -28.76 -21.61 23.69
N LEU D 158 -29.34 -21.94 24.84
CA LEU D 158 -30.76 -21.82 25.05
C LEU D 158 -31.06 -20.65 26.00
N GLY D 159 -32.26 -20.10 25.86
CA GLY D 159 -32.71 -19.07 26.78
C GLY D 159 -31.83 -17.84 26.71
N LYS D 160 -31.32 -17.43 27.87
CA LYS D 160 -30.48 -16.24 27.93
C LYS D 160 -29.09 -16.47 27.33
N LYS D 161 -28.70 -17.71 27.08
CA LYS D 161 -27.48 -17.99 26.36
C LYS D 161 -27.70 -18.14 24.86
N GLY D 162 -28.88 -17.77 24.38
CA GLY D 162 -29.24 -17.97 22.97
C GLY D 162 -28.44 -17.11 22.01
N ASN D 163 -27.75 -16.09 22.50
CA ASN D 163 -26.90 -15.26 21.66
C ASN D 163 -25.47 -15.77 21.61
N LEU D 164 -25.20 -16.92 22.21
CA LEU D 164 -23.85 -17.47 22.35
C LEU D 164 -23.66 -18.68 21.45
N VAL D 165 -22.56 -18.70 20.71
CA VAL D 165 -22.19 -19.84 19.88
C VAL D 165 -21.30 -20.77 20.70
N TYR D 166 -21.70 -22.04 20.82
CA TYR D 166 -20.89 -23.06 21.47
C TYR D 166 -20.24 -23.97 20.43
N ILE D 167 -19.09 -24.54 20.81
CA ILE D 167 -18.44 -25.59 20.02
C ILE D 167 -18.49 -26.89 20.82
N ILE D 168 -18.69 -28.01 20.11
CA ILE D 168 -18.86 -29.32 20.73
C ILE D 168 -18.08 -30.40 19.98
N ASP D 169 -18.05 -31.59 20.59
CA ASP D 169 -17.55 -32.82 20.00
C ASP D 169 -16.04 -32.82 19.83
N PHE D 170 -15.33 -33.24 20.87
CA PHE D 170 -13.89 -33.36 20.88
C PHE D 170 -13.42 -34.79 20.62
N GLY D 171 -14.28 -35.63 20.03
CA GLY D 171 -13.90 -37.01 19.78
C GLY D 171 -12.73 -37.15 18.83
N LEU D 172 -12.60 -36.22 17.88
CA LEU D 172 -11.46 -36.20 16.97
C LEU D 172 -10.39 -35.20 17.40
N ALA D 173 -10.57 -34.51 18.51
CA ALA D 173 -9.61 -33.51 18.93
C ALA D 173 -8.27 -34.17 19.28
N LYS D 174 -7.22 -33.36 19.24
CA LYS D 174 -5.87 -33.86 19.44
C LYS D 174 -5.03 -32.74 20.04
N LYS D 175 -4.09 -33.12 20.89
CA LYS D 175 -3.14 -32.15 21.43
C LYS D 175 -2.09 -31.87 20.37
N TYR D 176 -1.92 -30.59 20.01
CA TYR D 176 -0.95 -30.20 19.00
C TYR D 176 0.35 -29.68 19.58
N ARG D 177 0.40 -29.41 20.89
CA ARG D 177 1.62 -28.98 21.54
C ARG D 177 1.64 -29.56 22.95
N ASP D 178 2.84 -29.92 23.40
CA ASP D 178 3.00 -30.41 24.77
C ASP D 178 2.47 -29.37 25.75
N ALA D 179 1.52 -29.79 26.60
CA ALA D 179 0.94 -28.87 27.58
C ALA D 179 2.02 -28.15 28.37
N ARG D 180 3.08 -28.87 28.75
CA ARG D 180 4.16 -28.30 29.55
C ARG D 180 5.07 -27.43 28.69
N THR D 181 5.81 -28.05 27.77
CA THR D 181 6.83 -27.35 26.99
C THR D 181 6.25 -26.55 25.83
N HIS D 182 4.99 -26.75 25.47
CA HIS D 182 4.39 -26.10 24.31
C HIS D 182 5.14 -26.41 23.03
N GLN D 183 5.96 -27.46 23.02
CA GLN D 183 6.63 -27.85 21.79
C GLN D 183 5.63 -28.47 20.83
N HIS D 184 5.56 -27.92 19.62
CA HIS D 184 4.59 -28.34 18.63
C HIS D 184 4.83 -29.80 18.24
N ILE D 185 3.74 -30.49 17.89
CA ILE D 185 3.86 -31.86 17.37
C ILE D 185 4.61 -31.78 16.04
N PRO D 186 5.27 -32.85 15.60
CA PRO D 186 6.14 -32.75 14.43
C PRO D 186 5.36 -32.85 13.11
N TYR D 187 5.97 -32.27 12.07
CA TYR D 187 5.41 -32.35 10.73
C TYR D 187 5.31 -33.80 10.28
N ARG D 188 4.12 -34.19 9.83
CA ARG D 188 3.87 -35.55 9.39
C ARG D 188 3.17 -35.54 8.04
N GLU D 189 3.39 -36.60 7.27
CA GLU D 189 2.73 -36.82 5.99
C GLU D 189 2.04 -38.18 6.01
N ASN D 190 1.33 -38.48 4.92
CA ASN D 190 0.64 -39.74 4.71
C ASN D 190 -0.55 -39.95 5.64
N LYS D 191 -0.82 -39.02 6.57
CA LYS D 191 -1.93 -39.18 7.49
C LYS D 191 -3.24 -39.37 6.73
N ASN D 192 -4.09 -40.25 7.26
CA ASN D 192 -5.42 -40.43 6.68
C ASN D 192 -6.30 -39.21 6.97
N LEU D 193 -7.33 -39.05 6.14
CA LEU D 193 -8.26 -37.94 6.31
C LEU D 193 -8.99 -38.08 7.64
N THR D 194 -8.87 -37.06 8.48
CA THR D 194 -9.59 -36.97 9.75
C THR D 194 -10.55 -35.80 9.68
N GLY D 195 -11.81 -36.07 9.97
CA GLY D 195 -12.86 -35.06 9.92
C GLY D 195 -13.70 -35.18 8.66
N THR D 196 -14.51 -34.15 8.45
CA THR D 196 -15.37 -34.10 7.27
C THR D 196 -14.60 -33.61 6.05
N ALA D 197 -14.78 -34.31 4.92
CA ALA D 197 -14.04 -33.98 3.71
C ALA D 197 -14.48 -32.64 3.13
N ARG D 198 -15.77 -32.32 3.24
CA ARG D 198 -16.28 -31.10 2.63
C ARG D 198 -15.54 -29.87 3.14
N TYR D 199 -15.26 -29.82 4.44
CA TYR D 199 -14.63 -28.68 5.06
C TYR D 199 -13.14 -28.88 5.33
N ALA D 200 -12.58 -30.03 4.92
CA ALA D 200 -11.18 -30.32 5.21
C ALA D 200 -10.28 -29.35 4.45
N SER D 201 -9.16 -29.01 5.07
CA SER D 201 -8.18 -28.14 4.45
C SER D 201 -7.47 -28.86 3.31
N ILE D 202 -6.87 -28.06 2.42
CA ILE D 202 -6.06 -28.63 1.34
C ILE D 202 -4.89 -29.40 1.94
N ASN D 203 -4.29 -28.89 3.01
CA ASN D 203 -3.21 -29.62 3.67
C ASN D 203 -3.68 -31.01 4.09
N THR D 204 -4.90 -31.09 4.64
CA THR D 204 -5.43 -32.38 5.06
C THR D 204 -5.63 -33.31 3.87
N HIS D 205 -6.14 -32.77 2.75
CA HIS D 205 -6.28 -33.59 1.55
C HIS D 205 -4.92 -34.11 1.07
N LEU D 206 -3.86 -33.34 1.29
CA LEU D 206 -2.53 -33.77 0.91
C LEU D 206 -1.91 -34.76 1.91
N GLY D 207 -2.61 -35.06 3.00
CA GLY D 207 -2.09 -35.99 3.99
C GLY D 207 -1.20 -35.39 5.05
N ILE D 208 -1.18 -34.06 5.19
CA ILE D 208 -0.31 -33.40 6.15
C ILE D 208 -0.99 -33.38 7.52
N GLU D 209 -0.20 -33.62 8.57
CA GLU D 209 -0.70 -33.49 9.93
C GLU D 209 -1.38 -32.15 10.13
N GLN D 210 -2.56 -32.20 10.76
CA GLN D 210 -3.32 -31.00 11.01
C GLN D 210 -2.74 -30.20 12.17
N SER D 211 -2.90 -28.88 12.08
CA SER D 211 -2.43 -27.97 13.12
C SER D 211 -3.46 -26.84 13.23
N ARG D 212 -3.11 -25.78 13.94
CA ARG D 212 -4.05 -24.70 14.21
C ARG D 212 -4.60 -24.11 12.92
N ARG D 213 -3.72 -23.92 11.93
CA ARG D 213 -4.14 -23.32 10.66
C ARG D 213 -5.32 -24.07 10.04
N ASP D 214 -5.35 -25.39 10.20
CA ASP D 214 -6.34 -26.20 9.50
C ASP D 214 -7.73 -26.02 10.12
N ASP D 215 -7.81 -25.91 11.44
CA ASP D 215 -9.08 -25.55 12.07
C ASP D 215 -9.63 -24.26 11.49
N LEU D 216 -8.75 -23.27 11.27
CA LEU D 216 -9.21 -21.98 10.77
C LEU D 216 -9.55 -22.03 9.28
N GLU D 217 -8.78 -22.78 8.49
CA GLU D 217 -9.13 -22.91 7.08
C GLU D 217 -10.50 -23.56 6.92
N SER D 218 -10.78 -24.59 7.72
CA SER D 218 -12.11 -25.20 7.71
C SER D 218 -13.19 -24.18 8.05
N LEU D 219 -12.95 -23.33 9.05
CA LEU D 219 -13.93 -22.29 9.36
C LEU D 219 -14.18 -21.41 8.14
N GLY D 220 -13.12 -21.09 7.38
CA GLY D 220 -13.28 -20.28 6.19
C GLY D 220 -14.22 -20.91 5.18
N TYR D 221 -14.08 -22.23 4.96
CA TYR D 221 -15.00 -22.94 4.07
C TYR D 221 -16.41 -22.95 4.64
N VAL D 222 -16.54 -23.07 5.96
CA VAL D 222 -17.86 -23.04 6.59
C VAL D 222 -18.54 -21.70 6.35
N LEU D 223 -17.79 -20.61 6.47
CA LEU D 223 -18.39 -19.29 6.25
C LEU D 223 -18.85 -19.13 4.81
N MET D 224 -18.04 -19.57 3.85
CA MET D 224 -18.46 -19.49 2.45
C MET D 224 -19.61 -20.44 2.16
N TYR D 225 -19.67 -21.56 2.88
CA TYR D 225 -20.82 -22.45 2.80
C TYR D 225 -22.10 -21.72 3.20
N PHE D 226 -22.04 -20.96 4.29
CA PHE D 226 -23.20 -20.17 4.70
C PHE D 226 -23.54 -19.11 3.67
N ASN D 227 -22.52 -18.50 3.05
CA ASN D 227 -22.78 -17.47 2.06
C ASN D 227 -23.43 -18.04 0.81
N LEU D 228 -22.94 -19.19 0.34
CA LEU D 228 -23.33 -19.74 -0.95
C LEU D 228 -24.54 -20.68 -0.87
N GLY D 229 -24.79 -21.28 0.29
CA GLY D 229 -25.76 -22.36 0.39
C GLY D 229 -25.17 -23.72 0.12
N SER D 230 -24.04 -23.80 -0.56
CA SER D 230 -23.33 -25.04 -0.82
C SER D 230 -21.91 -24.70 -1.24
N LEU D 231 -21.01 -25.69 -1.13
CA LEU D 231 -19.66 -25.50 -1.67
C LEU D 231 -19.54 -26.19 -3.03
N PRO D 232 -18.70 -25.66 -3.94
CA PRO D 232 -18.64 -26.22 -5.29
C PRO D 232 -18.10 -27.64 -5.37
N TRP D 233 -17.48 -28.16 -4.31
CA TRP D 233 -17.03 -29.54 -4.28
C TRP D 233 -18.02 -30.47 -3.58
N GLN D 234 -19.23 -29.99 -3.30
CA GLN D 234 -20.28 -30.86 -2.79
C GLN D 234 -20.88 -31.67 -3.94
N GLY D 235 -21.45 -32.81 -3.59
CA GLY D 235 -22.19 -33.59 -4.57
C GLY D 235 -21.35 -34.10 -5.72
N LEU D 236 -20.12 -34.54 -5.44
CA LEU D 236 -19.26 -35.13 -6.46
C LEU D 236 -19.47 -36.64 -6.45
N LYS D 237 -19.63 -37.22 -7.63
CA LYS D 237 -19.93 -38.64 -7.76
C LYS D 237 -18.66 -39.49 -7.69
N ALA D 238 -18.69 -40.54 -6.90
CA ALA D 238 -17.59 -41.49 -6.77
C ALA D 238 -18.05 -42.63 -5.88
N ALA D 239 -17.37 -43.78 -6.00
CA ALA D 239 -17.82 -44.99 -5.32
C ALA D 239 -16.90 -45.34 -4.15
N THR D 240 -15.70 -45.85 -4.44
CA THR D 240 -14.75 -46.10 -3.36
C THR D 240 -14.48 -44.80 -2.60
N LYS D 241 -14.82 -44.81 -1.31
CA LYS D 241 -14.75 -43.59 -0.49
C LYS D 241 -13.43 -42.86 -0.66
N ARG D 242 -12.33 -43.59 -0.89
CA ARG D 242 -11.06 -42.94 -1.17
C ARG D 242 -11.15 -42.08 -2.43
N GLN D 243 -11.81 -42.58 -3.49
CA GLN D 243 -11.92 -41.81 -4.71
C GLN D 243 -12.68 -40.50 -4.48
N LYS D 244 -13.72 -40.54 -3.63
CA LYS D 244 -14.49 -39.33 -3.35
C LYS D 244 -13.60 -38.26 -2.72
N TYR D 245 -12.78 -38.65 -1.75
CA TYR D 245 -11.88 -37.70 -1.12
C TYR D 245 -10.87 -37.14 -2.13
N GLU D 246 -10.45 -37.95 -3.09
CA GLU D 246 -9.56 -37.47 -4.14
C GLU D 246 -10.28 -36.50 -5.08
N ARG D 247 -11.56 -36.77 -5.37
CA ARG D 247 -12.31 -35.90 -6.27
C ARG D 247 -12.59 -34.55 -5.62
N ILE D 248 -13.01 -34.56 -4.36
CA ILE D 248 -13.15 -33.30 -3.62
C ILE D 248 -11.81 -32.56 -3.57
N SER D 249 -10.73 -33.29 -3.30
CA SER D 249 -9.41 -32.68 -3.25
C SER D 249 -9.09 -31.99 -4.57
N GLU D 250 -9.31 -32.67 -5.69
CA GLU D 250 -9.00 -32.07 -6.99
C GLU D 250 -9.82 -30.80 -7.21
N LYS D 251 -11.13 -30.87 -6.93
CA LYS D 251 -11.99 -29.70 -7.12
C LYS D 251 -11.55 -28.55 -6.21
N LYS D 252 -11.18 -28.85 -4.97
CA LYS D 252 -10.73 -27.80 -4.05
C LYS D 252 -9.46 -27.14 -4.53
N MET D 253 -8.53 -27.93 -5.06
CA MET D 253 -7.23 -27.39 -5.48
C MET D 253 -7.29 -26.74 -6.85
N SER D 254 -8.32 -27.01 -7.63
CA SER D 254 -8.52 -26.36 -8.92
C SER D 254 -9.52 -25.21 -8.85
N THR D 255 -10.05 -24.89 -7.67
CA THR D 255 -10.96 -23.77 -7.50
C THR D 255 -10.19 -22.63 -6.85
N PRO D 256 -9.75 -21.60 -7.59
CA PRO D 256 -9.04 -20.49 -6.93
C PRO D 256 -9.94 -19.78 -5.95
N ILE D 257 -9.33 -19.27 -4.88
CA ILE D 257 -10.09 -18.62 -3.81
C ILE D 257 -10.92 -17.47 -4.35
N GLU D 258 -10.38 -16.71 -5.31
CA GLU D 258 -11.11 -15.57 -5.86
C GLU D 258 -12.33 -16.02 -6.64
N VAL D 259 -12.33 -17.24 -7.16
CA VAL D 259 -13.51 -17.81 -7.83
C VAL D 259 -14.50 -18.31 -6.80
N LEU D 260 -14.02 -19.03 -5.79
CA LEU D 260 -14.88 -19.50 -4.71
C LEU D 260 -15.66 -18.35 -4.08
N CYS D 261 -15.00 -17.23 -3.83
CA CYS D 261 -15.58 -16.11 -3.08
C CYS D 261 -16.16 -15.03 -3.99
N LYS D 262 -16.18 -15.24 -5.30
CA LYS D 262 -16.69 -14.21 -6.20
C LYS D 262 -18.12 -13.84 -5.84
N GLY D 263 -18.40 -12.54 -5.84
CA GLY D 263 -19.70 -12.04 -5.47
C GLY D 263 -19.93 -11.82 -3.99
N TYR D 264 -18.91 -11.98 -3.16
CA TYR D 264 -19.02 -11.73 -1.72
C TYR D 264 -17.89 -10.82 -1.27
N PRO D 265 -18.05 -10.15 -0.13
CA PRO D 265 -17.02 -9.21 0.32
C PRO D 265 -15.65 -9.85 0.34
N SER D 266 -14.64 -9.07 -0.04
CA SER D 266 -13.29 -9.58 -0.20
C SER D 266 -12.74 -10.20 1.08
N GLU D 267 -13.32 -9.87 2.24
CA GLU D 267 -12.76 -10.34 3.50
C GLU D 267 -12.75 -11.86 3.59
N PHE D 268 -13.73 -12.52 2.98
CA PHE D 268 -13.78 -13.98 3.03
C PHE D 268 -12.64 -14.61 2.24
N ALA D 269 -12.27 -13.99 1.12
CA ALA D 269 -11.11 -14.46 0.36
C ALA D 269 -9.80 -14.14 1.08
N THR D 270 -9.68 -12.93 1.62
CA THR D 270 -8.50 -12.58 2.41
C THR D 270 -8.32 -13.56 3.57
N TYR D 271 -9.42 -13.89 4.25
CA TYR D 271 -9.35 -14.83 5.37
C TYR D 271 -8.76 -16.16 4.91
N LEU D 272 -9.30 -16.74 3.84
CA LEU D 272 -8.85 -18.04 3.38
C LEU D 272 -7.40 -18.01 2.91
N ASN D 273 -7.01 -16.95 2.21
CA ASN D 273 -5.61 -16.82 1.78
C ASN D 273 -4.68 -16.79 2.98
N PHE D 274 -5.07 -16.06 4.03
CA PHE D 274 -4.25 -15.99 5.23
C PHE D 274 -4.07 -17.37 5.86
N CYS D 275 -5.15 -18.15 5.94
CA CYS D 275 -5.07 -19.48 6.54
C CYS D 275 -4.21 -20.42 5.70
N ARG D 276 -4.34 -20.36 4.37
CA ARG D 276 -3.52 -21.22 3.52
C ARG D 276 -2.06 -20.82 3.51
N SER D 277 -1.73 -19.58 3.90
CA SER D 277 -0.35 -19.14 3.96
C SER D 277 0.32 -19.46 5.29
N LEU D 278 -0.44 -19.87 6.30
CA LEU D 278 0.13 -20.15 7.60
C LEU D 278 1.05 -21.35 7.53
N ARG D 279 2.17 -21.25 8.23
CA ARG D 279 3.07 -22.38 8.37
C ARG D 279 2.53 -23.38 9.38
N PHE D 280 3.06 -24.59 9.32
CA PHE D 280 2.55 -25.69 10.13
C PHE D 280 2.45 -25.30 11.61
N ASP D 281 3.53 -24.77 12.18
CA ASP D 281 3.54 -24.44 13.61
C ASP D 281 3.25 -22.97 13.90
N ASP D 282 2.83 -22.20 12.89
CA ASP D 282 2.49 -20.80 13.14
C ASP D 282 1.37 -20.68 14.16
N LYS D 283 1.52 -19.72 15.06
CA LYS D 283 0.40 -19.28 15.88
C LYS D 283 -0.42 -18.31 15.04
N PRO D 284 -1.67 -18.63 14.67
CA PRO D 284 -2.45 -17.71 13.86
C PRO D 284 -2.69 -16.40 14.58
N ASP D 285 -2.82 -15.34 13.79
CA ASP D 285 -3.16 -14.02 14.34
C ASP D 285 -4.69 -13.97 14.38
N TYR D 286 -5.27 -14.48 15.46
CA TYR D 286 -6.73 -14.54 15.57
C TYR D 286 -7.32 -13.14 15.60
N SER D 287 -6.67 -12.22 16.30
CA SER D 287 -7.17 -10.86 16.40
C SER D 287 -7.25 -10.21 15.03
N TYR D 288 -6.24 -10.45 14.19
CA TYR D 288 -6.28 -9.92 12.83
C TYR D 288 -7.51 -10.44 12.08
N LEU D 289 -7.79 -11.75 12.20
CA LEU D 289 -8.90 -12.33 11.47
C LEU D 289 -10.23 -11.82 11.98
N ARG D 290 -10.40 -11.73 13.30
CA ARG D 290 -11.61 -11.13 13.85
C ARG D 290 -11.75 -9.67 13.42
N GLN D 291 -10.64 -8.93 13.39
CA GLN D 291 -10.70 -7.52 13.02
C GLN D 291 -11.04 -7.37 11.54
N LEU D 292 -10.57 -8.30 10.71
CA LEU D 292 -10.95 -8.34 9.32
C LEU D 292 -12.47 -8.29 9.17
N PHE D 293 -13.17 -9.20 9.82
CA PHE D 293 -14.63 -9.27 9.70
C PHE D 293 -15.31 -8.13 10.46
N ARG D 294 -14.71 -7.67 11.56
CA ARG D 294 -15.31 -6.57 12.32
C ARG D 294 -15.33 -5.28 11.49
N ASN D 295 -14.25 -5.00 10.75
CA ASN D 295 -14.21 -3.79 9.94
C ASN D 295 -15.25 -3.85 8.82
N LEU D 296 -15.39 -5.01 8.18
CA LEU D 296 -16.48 -5.21 7.22
C LEU D 296 -17.82 -5.02 7.90
N PHE D 297 -17.99 -5.64 9.07
CA PHE D 297 -19.22 -5.54 9.84
C PHE D 297 -19.59 -4.07 10.09
N HIS D 298 -18.60 -3.23 10.40
CA HIS D 298 -18.85 -1.82 10.66
C HIS D 298 -19.07 -1.03 9.37
N ARG D 299 -18.35 -1.38 8.30
CA ARG D 299 -18.61 -0.72 7.02
C ARG D 299 -20.03 -0.95 6.54
N GLN D 300 -20.64 -2.08 6.93
CA GLN D 300 -22.03 -2.36 6.62
C GLN D 300 -23.00 -1.64 7.53
N GLY D 301 -22.53 -1.04 8.62
CA GLY D 301 -23.41 -0.45 9.61
C GLY D 301 -24.11 -1.45 10.49
N PHE D 302 -23.65 -2.69 10.52
CA PHE D 302 -24.25 -3.69 11.39
C PHE D 302 -23.89 -3.41 12.85
N SER D 303 -24.81 -3.76 13.74
CA SER D 303 -24.59 -3.72 15.18
C SER D 303 -24.47 -5.14 15.73
N TYR D 304 -23.62 -5.29 16.76
CA TYR D 304 -23.42 -6.58 17.42
C TYR D 304 -24.48 -6.85 18.47
N ASP D 305 -25.76 -6.60 18.14
CA ASP D 305 -26.88 -6.91 19.01
C ASP D 305 -27.22 -8.39 19.06
N TYR D 306 -26.50 -9.21 18.29
CA TYR D 306 -26.66 -10.66 18.29
C TYR D 306 -28.06 -11.10 17.86
N VAL D 307 -28.69 -10.35 16.97
CA VAL D 307 -29.99 -10.75 16.42
C VAL D 307 -29.69 -11.49 15.12
N PHE D 308 -29.74 -12.81 15.18
CA PHE D 308 -29.49 -13.66 14.02
C PHE D 308 -30.76 -13.79 13.17
N ASP D 309 -30.58 -14.21 11.92
CA ASP D 309 -31.71 -14.36 11.01
C ASP D 309 -32.83 -15.15 11.68
N TRP D 310 -32.50 -16.26 12.34
CA TRP D 310 -33.54 -17.11 12.90
C TRP D 310 -34.25 -16.44 14.08
N ASN D 311 -33.64 -15.44 14.70
CA ASN D 311 -34.30 -14.71 15.77
C ASN D 311 -35.39 -13.77 15.26
N MET D 312 -35.53 -13.65 13.95
CA MET D 312 -36.48 -12.71 13.35
C MET D 312 -37.69 -13.41 12.76
N LEU D 313 -37.81 -14.73 12.91
CA LEU D 313 -38.94 -15.47 12.38
C LEU D 313 -40.17 -15.25 13.28
N LYS D 314 -41.32 -15.06 12.64
CA LYS D 314 -42.55 -14.75 13.36
C LYS D 314 -43.42 -15.99 13.50
#